data_8V0B
#
_entry.id   8V0B
#
_cell.length_a   49.937
_cell.length_b   104.531
_cell.length_c   192.839
_cell.angle_alpha   90.00
_cell.angle_beta   90.00
_cell.angle_gamma   90.00
#
_symmetry.space_group_name_H-M   'P 21 21 21'
#
loop_
_entity.id
_entity.type
_entity.pdbx_description
1 polymer 'Tyrosyl-DNA phosphodiesterase 1'
2 non-polymer '8-{4-[(fluorosulfonyl)oxy]phenyl}-4-oxo-1,4-dihydroquinoline-3-carboxylic acid'
3 non-polymer 1,2-ETHANEDIOL
4 non-polymer 'DIMETHYL SULFOXIDE'
5 non-polymer DI(HYDROXYETHYL)ETHER
6 water water
#
_entity_poly.entity_id   1
_entity_poly.type   'polypeptide(L)'
_entity_poly.pdbx_seq_one_letter_code
;SGEGQDIWDMLDKGNPFQFYLTRVSGVKPKYNSGALHIKDILSPLFGTLVSSAQFNYCFDVDWLVKQYPPEFRKKPILLV
HGDKREAKAHLHAQAKPYENISLCQAKLDIAFGTHHTKMMLLLYEEGLRVVIHTSNLIHADWHQKTQGIWLSPLYPRIAD
GTHKSGESPTHFKADLISYLMAYNAPSLKEWIDVIHKHDLSETNVYLIGSTPGRFQGSQKDNWGHFRLKKLLKDHASSMP
NAESWPVVGQFSSVGSLGADESKWLCSEFKESMLTLGKESKTPGKSSVPLYLIYPSVENVRTSLEGYPAGGSLPYSIQTA
EKQNWLHSYFHKWSAETSGRSNAMPHIKTYMRPSPDFSKIAWFLVTSANLSKAAWGALEKNGTQLMIRSYELGVLFLPSA
FGLDSFKVKQKFFAGSQEPMATFPVPYDLPPELYGSKDRPWIWNIPYVKAPDTHGNMWVPS
;
_entity_poly.pdbx_strand_id   A,B
#
# COMPACT_ATOMS: atom_id res chain seq x y z
N ASN A 15 -20.28 -12.60 1.30
CA ASN A 15 -18.93 -13.14 1.49
C ASN A 15 -17.89 -12.16 0.97
N PRO A 16 -16.73 -12.12 1.62
CA PRO A 16 -15.72 -11.12 1.25
C PRO A 16 -14.97 -11.45 -0.03
N PHE A 17 -15.01 -12.70 -0.51
CA PHE A 17 -14.06 -13.05 -1.54
C PHE A 17 -14.57 -12.75 -2.94
N GLN A 18 -15.88 -12.93 -3.19
CA GLN A 18 -16.45 -12.66 -4.50
C GLN A 18 -15.74 -13.46 -5.59
N PHE A 19 -15.43 -14.72 -5.27
CA PHE A 19 -14.82 -15.66 -6.19
C PHE A 19 -15.91 -16.64 -6.61
N TYR A 20 -16.15 -16.74 -7.91
CA TYR A 20 -17.24 -17.55 -8.43
C TYR A 20 -16.74 -18.54 -9.46
N LEU A 21 -17.51 -19.60 -9.67
CA LEU A 21 -17.34 -20.46 -10.83
C LEU A 21 -18.42 -20.17 -11.84
N THR A 22 -18.13 -20.46 -13.11
CA THR A 22 -19.16 -20.36 -14.14
C THR A 22 -20.18 -21.49 -13.97
N ARG A 23 -21.39 -21.25 -14.46
CA ARG A 23 -22.42 -22.28 -14.50
C ARG A 23 -22.01 -23.43 -15.40
N VAL A 24 -22.35 -24.65 -14.97
CA VAL A 24 -22.08 -25.86 -15.74
C VAL A 24 -23.40 -26.52 -16.11
N SER A 25 -23.66 -26.67 -17.40
N SER A 25 -23.66 -26.65 -17.41
CA SER A 25 -24.90 -27.28 -17.85
CA SER A 25 -24.89 -27.30 -17.86
C SER A 25 -24.85 -28.79 -17.63
C SER A 25 -24.82 -28.78 -17.59
N GLY A 26 -25.79 -29.29 -16.82
CA GLY A 26 -25.90 -30.72 -16.55
C GLY A 26 -25.67 -31.12 -15.11
N VAL A 27 -25.06 -30.25 -14.29
CA VAL A 27 -24.93 -30.55 -12.86
C VAL A 27 -26.24 -30.22 -12.15
N LYS A 28 -26.45 -30.84 -11.00
CA LYS A 28 -27.63 -30.59 -10.19
C LYS A 28 -27.67 -29.10 -9.81
N PRO A 29 -28.87 -28.53 -9.66
CA PRO A 29 -28.98 -27.09 -9.34
C PRO A 29 -28.18 -26.68 -8.12
N LYS A 30 -28.04 -27.56 -7.13
CA LYS A 30 -27.23 -27.27 -5.94
C LYS A 30 -25.84 -26.79 -6.32
N TYR A 31 -25.27 -27.33 -7.40
CA TYR A 31 -23.92 -26.97 -7.83
C TYR A 31 -23.86 -25.78 -8.78
N ASN A 32 -25.00 -25.18 -9.14
CA ASN A 32 -25.00 -23.94 -9.91
C ASN A 32 -25.56 -22.77 -9.13
N SER A 33 -26.16 -23.00 -7.96
CA SER A 33 -26.64 -21.90 -7.14
C SER A 33 -25.43 -21.16 -6.56
N GLY A 34 -25.25 -19.92 -6.96
CA GLY A 34 -24.03 -19.23 -6.62
C GLY A 34 -22.94 -19.34 -7.66
N ALA A 35 -23.19 -20.01 -8.77
CA ALA A 35 -22.35 -19.90 -9.95
C ALA A 35 -22.92 -18.79 -10.82
N LEU A 36 -22.10 -18.30 -11.77
CA LEU A 36 -22.49 -17.21 -12.65
C LEU A 36 -22.31 -17.58 -14.11
N HIS A 37 -23.35 -17.36 -14.90
CA HIS A 37 -23.20 -17.37 -16.36
C HIS A 37 -22.89 -15.96 -16.84
N ILE A 38 -22.34 -15.87 -18.06
CA ILE A 38 -22.02 -14.54 -18.59
C ILE A 38 -23.27 -13.67 -18.66
N LYS A 39 -24.44 -14.27 -18.95
CA LYS A 39 -25.67 -13.50 -18.99
C LYS A 39 -26.02 -12.91 -17.62
N ASP A 40 -25.65 -13.62 -16.54
CA ASP A 40 -25.81 -13.06 -15.20
C ASP A 40 -24.91 -11.86 -14.99
N ILE A 41 -23.64 -11.98 -15.38
CA ILE A 41 -22.67 -10.91 -15.17
C ILE A 41 -23.11 -9.63 -15.88
N LEU A 42 -23.69 -9.76 -17.08
CA LEU A 42 -24.05 -8.60 -17.88
C LEU A 42 -25.48 -8.12 -17.64
N SER A 43 -26.20 -8.79 -16.74
CA SER A 43 -27.60 -8.49 -16.49
C SER A 43 -27.78 -7.06 -15.98
N PRO A 44 -28.95 -6.45 -16.21
N PRO A 44 -28.95 -6.45 -16.21
CA PRO A 44 -29.19 -5.12 -15.63
CA PRO A 44 -29.19 -5.12 -15.63
C PRO A 44 -29.15 -5.09 -14.11
C PRO A 44 -29.14 -5.10 -14.12
N LEU A 45 -29.33 -6.24 -13.46
CA LEU A 45 -29.23 -6.30 -12.01
C LEU A 45 -27.85 -5.92 -11.52
N PHE A 46 -26.82 -6.15 -12.34
CA PHE A 46 -25.45 -5.81 -11.96
C PHE A 46 -25.11 -4.35 -12.23
N GLY A 47 -25.92 -3.65 -13.01
CA GLY A 47 -25.68 -2.25 -13.31
C GLY A 47 -26.27 -1.90 -14.66
N THR A 48 -26.48 -0.59 -14.87
CA THR A 48 -27.04 -0.09 -16.12
C THR A 48 -25.90 0.26 -17.05
N LEU A 49 -25.65 -0.60 -18.03
CA LEU A 49 -24.45 -0.51 -18.84
C LEU A 49 -24.45 0.73 -19.74
N VAL A 50 -23.32 1.44 -19.72
CA VAL A 50 -23.05 2.54 -20.65
C VAL A 50 -22.05 2.13 -21.72
N SER A 51 -21.04 1.35 -21.35
N SER A 51 -21.04 1.34 -21.34
CA SER A 51 -20.04 0.86 -22.28
CA SER A 51 -19.92 0.97 -22.20
C SER A 51 -19.25 -0.24 -21.59
C SER A 51 -19.21 -0.21 -21.56
N SER A 52 -18.54 -1.03 -22.39
CA SER A 52 -17.79 -2.13 -21.84
C SER A 52 -16.54 -2.41 -22.68
N ALA A 53 -15.54 -2.99 -22.02
CA ALA A 53 -14.34 -3.49 -22.69
C ALA A 53 -14.21 -4.97 -22.38
N GLN A 54 -14.00 -5.77 -23.41
CA GLN A 54 -13.84 -7.21 -23.26
C GLN A 54 -12.41 -7.58 -23.69
N PHE A 55 -11.56 -7.84 -22.70
CA PHE A 55 -10.21 -8.34 -22.93
C PHE A 55 -10.30 -9.86 -23.03
N ASN A 56 -9.76 -10.43 -24.09
CA ASN A 56 -9.79 -11.88 -24.16
C ASN A 56 -8.80 -12.39 -25.20
N TYR A 57 -8.83 -13.71 -25.39
CA TYR A 57 -8.02 -14.39 -26.39
C TYR A 57 -8.85 -14.75 -27.61
N CYS A 58 -9.90 -15.55 -27.42
N CYS A 58 -9.92 -15.53 -27.41
CA CYS A 58 -10.79 -16.00 -28.48
CA CYS A 58 -10.77 -16.00 -28.49
C CYS A 58 -12.16 -15.36 -28.32
C CYS A 58 -12.18 -15.44 -28.33
N PHE A 59 -12.75 -14.96 -29.45
CA PHE A 59 -14.06 -14.30 -29.47
C PHE A 59 -14.96 -14.96 -30.50
N ASP A 60 -16.22 -15.19 -30.12
CA ASP A 60 -17.32 -15.43 -31.04
C ASP A 60 -18.21 -14.21 -30.89
N VAL A 61 -18.09 -13.26 -31.82
CA VAL A 61 -18.73 -11.97 -31.63
C VAL A 61 -20.25 -12.09 -31.69
N ASP A 62 -20.77 -12.90 -32.62
CA ASP A 62 -22.22 -13.12 -32.69
C ASP A 62 -22.75 -13.62 -31.35
N TRP A 63 -22.09 -14.64 -30.80
CA TRP A 63 -22.46 -15.17 -29.50
C TRP A 63 -22.32 -14.11 -28.41
N LEU A 64 -21.21 -13.37 -28.43
CA LEU A 64 -20.94 -12.43 -27.33
C LEU A 64 -22.02 -11.36 -27.23
N VAL A 65 -22.44 -10.78 -28.37
CA VAL A 65 -23.45 -9.74 -28.32
C VAL A 65 -24.77 -10.29 -27.81
N LYS A 66 -25.08 -11.54 -28.12
CA LYS A 66 -26.30 -12.15 -27.61
C LYS A 66 -26.27 -12.35 -26.09
N GLN A 67 -25.09 -12.31 -25.46
CA GLN A 67 -25.02 -12.46 -24.01
C GLN A 67 -25.34 -11.16 -23.28
N TYR A 68 -25.27 -10.04 -23.97
CA TYR A 68 -25.70 -8.80 -23.35
C TYR A 68 -27.22 -8.73 -23.33
N PRO A 69 -27.82 -8.07 -22.33
CA PRO A 69 -29.27 -7.86 -22.35
C PRO A 69 -29.68 -7.14 -23.62
N PRO A 70 -30.84 -7.48 -24.19
CA PRO A 70 -31.26 -6.81 -25.44
C PRO A 70 -31.17 -5.30 -25.38
N GLU A 71 -31.56 -4.70 -24.25
CA GLU A 71 -31.56 -3.26 -24.12
C GLU A 71 -30.16 -2.65 -24.07
N PHE A 72 -29.12 -3.46 -23.86
CA PHE A 72 -27.74 -2.97 -23.81
C PHE A 72 -26.92 -3.37 -25.03
N ARG A 73 -27.53 -4.01 -26.04
CA ARG A 73 -26.73 -4.61 -27.10
C ARG A 73 -26.16 -3.60 -28.07
N LYS A 74 -26.62 -2.35 -28.04
CA LYS A 74 -26.07 -1.31 -28.90
C LYS A 74 -25.10 -0.41 -28.18
N LYS A 75 -24.84 -0.64 -26.89
CA LYS A 75 -23.87 0.17 -26.17
C LYS A 75 -22.47 -0.15 -26.69
N PRO A 76 -21.56 0.83 -26.67
CA PRO A 76 -20.20 0.59 -27.18
C PRO A 76 -19.53 -0.57 -26.48
N ILE A 77 -18.85 -1.40 -27.29
CA ILE A 77 -18.04 -2.53 -26.82
C ILE A 77 -16.66 -2.41 -27.46
N LEU A 78 -15.61 -2.53 -26.64
CA LEU A 78 -14.24 -2.58 -27.11
C LEU A 78 -13.73 -4.00 -26.94
N LEU A 79 -13.27 -4.62 -28.02
CA LEU A 79 -12.65 -5.95 -27.94
C LEU A 79 -11.14 -5.77 -27.92
N VAL A 80 -10.49 -6.24 -26.85
CA VAL A 80 -9.03 -6.13 -26.73
C VAL A 80 -8.46 -7.54 -26.97
N HIS A 81 -7.66 -7.67 -28.03
CA HIS A 81 -7.22 -8.97 -28.51
C HIS A 81 -5.76 -8.89 -28.92
N GLY A 82 -5.18 -10.03 -29.28
CA GLY A 82 -3.80 -10.06 -29.75
C GLY A 82 -3.60 -10.57 -31.16
N ASP A 83 -4.69 -10.72 -31.92
CA ASP A 83 -4.61 -11.34 -33.24
C ASP A 83 -3.87 -10.47 -34.25
N LYS A 84 -3.15 -11.13 -35.17
CA LYS A 84 -2.44 -10.49 -36.26
C LYS A 84 -2.85 -11.10 -37.58
N ARG A 85 -2.51 -10.40 -38.66
CA ARG A 85 -2.51 -10.95 -40.02
C ARG A 85 -3.91 -11.50 -40.33
N GLU A 86 -4.03 -12.75 -40.82
CA GLU A 86 -5.33 -13.27 -41.24
C GLU A 86 -6.28 -13.43 -40.05
N ALA A 87 -5.75 -13.81 -38.88
CA ALA A 87 -6.57 -13.94 -37.69
C ALA A 87 -7.21 -12.62 -37.29
N LYS A 88 -6.43 -11.53 -37.37
CA LYS A 88 -6.97 -10.20 -37.10
C LYS A 88 -8.08 -9.85 -38.09
N ALA A 89 -7.85 -10.14 -39.37
CA ALA A 89 -8.87 -9.84 -40.38
C ALA A 89 -10.15 -10.63 -40.09
N HIS A 90 -10.02 -11.88 -39.64
CA HIS A 90 -11.21 -12.66 -39.30
C HIS A 90 -11.98 -12.01 -38.17
N LEU A 91 -11.27 -11.50 -37.15
CA LEU A 91 -11.97 -10.89 -36.02
C LEU A 91 -12.68 -9.62 -36.44
N HIS A 92 -12.01 -8.78 -37.24
CA HIS A 92 -12.66 -7.59 -37.76
C HIS A 92 -13.90 -7.94 -38.56
N ALA A 93 -13.83 -9.00 -39.36
CA ALA A 93 -15.00 -9.41 -40.15
C ALA A 93 -16.14 -9.86 -39.26
N GLN A 94 -15.83 -10.51 -38.13
CA GLN A 94 -16.85 -10.89 -37.15
C GLN A 94 -17.54 -9.68 -36.57
N ALA A 95 -16.79 -8.61 -36.32
CA ALA A 95 -17.31 -7.43 -35.65
C ALA A 95 -17.96 -6.44 -36.61
N LYS A 96 -17.59 -6.48 -37.89
CA LYS A 96 -18.13 -5.55 -38.89
C LYS A 96 -19.64 -5.42 -38.86
N PRO A 97 -20.44 -6.49 -38.69
CA PRO A 97 -21.89 -6.35 -38.55
C PRO A 97 -22.35 -5.35 -37.48
N TYR A 98 -21.54 -5.07 -36.46
CA TYR A 98 -21.98 -4.33 -35.27
C TYR A 98 -21.26 -3.00 -35.19
N GLU A 99 -21.98 -1.91 -35.51
CA GLU A 99 -21.36 -0.59 -35.58
C GLU A 99 -20.87 -0.11 -34.23
N ASN A 100 -21.37 -0.66 -33.13
CA ASN A 100 -20.96 -0.24 -31.80
C ASN A 100 -19.69 -0.92 -31.30
N ILE A 101 -19.10 -1.83 -32.09
CA ILE A 101 -17.95 -2.59 -31.64
C ILE A 101 -16.68 -1.99 -32.22
N SER A 102 -15.73 -1.67 -31.34
N SER A 102 -15.72 -1.68 -31.35
CA SER A 102 -14.38 -1.24 -31.68
CA SER A 102 -14.39 -1.27 -31.75
C SER A 102 -13.39 -2.30 -31.25
C SER A 102 -13.38 -2.28 -31.25
N LEU A 103 -12.19 -2.26 -31.85
CA LEU A 103 -11.17 -3.26 -31.57
C LEU A 103 -9.86 -2.58 -31.19
N CYS A 104 -9.13 -3.24 -30.28
CA CYS A 104 -7.81 -2.81 -29.86
C CYS A 104 -6.88 -4.01 -30.00
N GLN A 105 -5.88 -3.90 -30.89
CA GLN A 105 -4.92 -4.97 -31.07
C GLN A 105 -3.75 -4.74 -30.12
N ALA A 106 -3.62 -5.58 -29.11
CA ALA A 106 -2.53 -5.46 -28.16
C ALA A 106 -1.22 -5.81 -28.83
N LYS A 107 -0.20 -4.97 -28.63
CA LYS A 107 1.08 -5.22 -29.27
C LYS A 107 1.76 -6.43 -28.65
N LEU A 108 2.34 -7.27 -29.51
CA LEU A 108 3.00 -8.51 -29.10
C LEU A 108 4.36 -8.52 -29.79
N ASP A 109 5.29 -7.74 -29.26
CA ASP A 109 6.55 -7.49 -29.93
C ASP A 109 7.63 -8.51 -29.60
N ILE A 110 7.33 -9.48 -28.72
CA ILE A 110 8.21 -10.60 -28.47
C ILE A 110 7.59 -11.84 -29.10
N ALA A 111 8.41 -12.62 -29.81
CA ALA A 111 7.93 -13.82 -30.50
C ALA A 111 7.23 -14.77 -29.54
N PHE A 112 6.24 -15.48 -30.09
CA PHE A 112 5.52 -16.56 -29.41
C PHE A 112 4.72 -16.06 -28.23
N GLY A 113 4.41 -14.78 -28.20
CA GLY A 113 3.53 -14.24 -27.18
C GLY A 113 2.09 -14.22 -27.61
N THR A 114 1.20 -14.14 -26.62
N THR A 114 1.19 -14.15 -26.63
CA THR A 114 -0.24 -14.22 -26.80
CA THR A 114 -0.21 -14.08 -26.91
C THR A 114 -0.94 -13.27 -25.84
C THR A 114 -0.85 -13.08 -25.96
N HIS A 115 -2.09 -12.73 -26.26
CA HIS A 115 -2.91 -11.92 -25.37
C HIS A 115 -3.91 -12.87 -24.70
N HIS A 116 -3.57 -13.32 -23.49
CA HIS A 116 -4.39 -14.31 -22.79
C HIS A 116 -5.31 -13.73 -21.73
N THR A 117 -5.09 -12.49 -21.30
CA THR A 117 -5.89 -11.85 -20.26
C THR A 117 -7.38 -11.91 -20.56
N LYS A 118 -8.18 -12.28 -19.54
CA LYS A 118 -9.64 -12.34 -19.62
C LYS A 118 -10.19 -11.35 -18.61
N MET A 119 -10.73 -10.24 -19.09
CA MET A 119 -11.16 -9.17 -18.19
C MET A 119 -12.31 -8.43 -18.85
N MET A 120 -13.29 -8.07 -18.02
CA MET A 120 -14.36 -7.16 -18.45
C MET A 120 -14.24 -5.88 -17.65
N LEU A 121 -14.29 -4.75 -18.34
CA LEU A 121 -14.46 -3.45 -17.71
C LEU A 121 -15.88 -3.02 -18.06
N LEU A 122 -16.70 -2.81 -17.03
CA LEU A 122 -18.13 -2.58 -17.20
C LEU A 122 -18.46 -1.21 -16.62
N LEU A 123 -18.71 -0.25 -17.50
CA LEU A 123 -19.03 1.11 -17.08
C LEU A 123 -20.54 1.25 -17.02
N TYR A 124 -21.03 1.69 -15.86
CA TYR A 124 -22.47 1.80 -15.61
C TYR A 124 -22.86 3.24 -15.34
N GLU A 125 -24.17 3.50 -15.42
CA GLU A 125 -24.71 4.75 -14.89
C GLU A 125 -24.37 4.91 -13.42
N GLU A 126 -24.28 3.80 -12.68
CA GLU A 126 -24.14 3.80 -11.22
C GLU A 126 -22.70 3.71 -10.76
N GLY A 127 -21.76 3.45 -11.65
CA GLY A 127 -20.37 3.24 -11.25
C GLY A 127 -19.65 2.38 -12.26
N LEU A 128 -18.67 1.63 -11.76
CA LEU A 128 -17.76 0.84 -12.58
C LEU A 128 -17.55 -0.51 -11.93
N ARG A 129 -17.49 -1.57 -12.73
CA ARG A 129 -17.16 -2.90 -12.25
C ARG A 129 -16.02 -3.48 -13.08
N VAL A 130 -15.14 -4.22 -12.41
CA VAL A 130 -14.06 -4.95 -13.05
C VAL A 130 -14.31 -6.43 -12.80
N VAL A 131 -14.22 -7.24 -13.86
CA VAL A 131 -14.38 -8.69 -13.78
C VAL A 131 -13.12 -9.31 -14.34
N ILE A 132 -12.41 -10.10 -13.53
CA ILE A 132 -11.22 -10.79 -13.99
C ILE A 132 -11.51 -12.28 -13.91
N HIS A 133 -11.33 -12.99 -15.02
CA HIS A 133 -11.88 -14.34 -15.08
C HIS A 133 -11.00 -15.19 -15.98
N THR A 134 -11.47 -16.40 -16.34
CA THR A 134 -10.63 -17.33 -17.07
C THR A 134 -11.22 -17.84 -18.39
N SER A 135 -12.39 -17.38 -18.81
CA SER A 135 -13.12 -17.95 -19.93
C SER A 135 -12.94 -17.14 -21.21
N ASN A 136 -12.75 -17.86 -22.32
CA ASN A 136 -12.87 -17.24 -23.63
C ASN A 136 -14.32 -16.84 -23.89
N LEU A 137 -14.51 -15.92 -24.85
CA LEU A 137 -15.86 -15.46 -25.17
C LEU A 137 -16.45 -16.28 -26.32
N ILE A 138 -16.60 -17.57 -26.03
CA ILE A 138 -17.19 -18.55 -26.93
C ILE A 138 -18.10 -19.44 -26.09
N HIS A 139 -19.12 -19.99 -26.75
CA HIS A 139 -20.12 -20.79 -26.05
C HIS A 139 -19.50 -21.91 -25.23
N ALA A 140 -18.54 -22.64 -25.82
CA ALA A 140 -18.05 -23.84 -25.12
C ALA A 140 -17.30 -23.52 -23.83
N ASP A 141 -16.71 -22.33 -23.72
CA ASP A 141 -15.98 -22.05 -22.48
C ASP A 141 -16.90 -21.77 -21.30
N TRP A 142 -18.18 -21.49 -21.55
CA TRP A 142 -19.14 -21.22 -20.47
C TRP A 142 -20.17 -22.33 -20.33
N HIS A 143 -19.97 -23.44 -21.03
CA HIS A 143 -21.01 -24.47 -21.10
C HIS A 143 -20.78 -25.55 -20.05
N GLN A 144 -19.69 -26.32 -20.19
CA GLN A 144 -19.46 -27.44 -19.27
C GLN A 144 -18.02 -27.47 -18.77
N LYS A 145 -17.37 -26.32 -18.63
CA LYS A 145 -16.02 -26.26 -18.10
C LYS A 145 -16.03 -25.70 -16.69
N THR A 146 -14.98 -26.02 -15.93
CA THR A 146 -14.73 -25.33 -14.66
C THR A 146 -13.93 -24.07 -14.97
N GLN A 147 -14.52 -22.90 -14.71
CA GLN A 147 -13.89 -21.62 -14.96
C GLN A 147 -14.04 -20.77 -13.71
N GLY A 148 -13.13 -19.81 -13.52
CA GLY A 148 -13.16 -18.95 -12.35
C GLY A 148 -13.42 -17.50 -12.69
N ILE A 149 -14.09 -16.80 -11.77
CA ILE A 149 -14.47 -15.39 -11.93
C ILE A 149 -14.18 -14.67 -10.63
N TRP A 150 -13.54 -13.49 -10.70
CA TRP A 150 -13.53 -12.54 -9.59
C TRP A 150 -14.36 -11.33 -9.99
N LEU A 151 -15.35 -10.99 -9.16
CA LEU A 151 -16.25 -9.86 -9.37
C LEU A 151 -15.86 -8.74 -8.43
N SER A 152 -15.48 -7.58 -9.00
CA SER A 152 -15.18 -6.44 -8.14
C SER A 152 -16.47 -5.92 -7.50
N PRO A 153 -16.35 -5.11 -6.45
CA PRO A 153 -17.52 -4.36 -5.99
C PRO A 153 -17.95 -3.37 -7.06
N LEU A 154 -19.17 -2.85 -6.91
CA LEU A 154 -19.58 -1.68 -7.67
C LEU A 154 -18.81 -0.47 -7.19
N TYR A 155 -17.92 0.04 -8.03
CA TYR A 155 -17.10 1.18 -7.65
C TYR A 155 -17.84 2.48 -7.94
N PRO A 156 -18.10 3.33 -6.95
CA PRO A 156 -18.81 4.58 -7.24
C PRO A 156 -17.87 5.60 -7.87
N ARG A 157 -18.49 6.55 -8.57
CA ARG A 157 -17.74 7.66 -9.15
C ARG A 157 -17.30 8.63 -8.05
N ILE A 158 -16.10 9.17 -8.20
CA ILE A 158 -15.66 10.25 -7.32
C ILE A 158 -16.29 11.55 -7.81
N ALA A 159 -16.84 12.32 -6.88
CA ALA A 159 -17.56 13.54 -7.23
C ALA A 159 -16.66 14.51 -8.00
N ASP A 160 -17.23 15.13 -9.04
CA ASP A 160 -16.55 16.18 -9.77
C ASP A 160 -16.08 17.27 -8.82
N GLY A 161 -14.81 17.65 -8.91
CA GLY A 161 -14.22 18.63 -8.02
C GLY A 161 -13.62 18.05 -6.75
N THR A 162 -14.00 16.84 -6.37
CA THR A 162 -13.41 16.20 -5.20
C THR A 162 -12.06 15.58 -5.58
N HIS A 163 -11.03 15.85 -4.77
CA HIS A 163 -9.71 15.27 -4.97
C HIS A 163 -9.48 14.21 -3.90
N LYS A 164 -9.49 12.95 -4.33
CA LYS A 164 -9.13 11.84 -3.47
C LYS A 164 -8.51 10.76 -4.35
N SER A 165 -7.79 9.83 -3.73
CA SER A 165 -7.11 8.87 -4.59
C SER A 165 -8.06 7.81 -5.12
N GLY A 166 -9.06 7.41 -4.32
CA GLY A 166 -9.83 6.24 -4.66
C GLY A 166 -9.06 4.95 -4.59
N GLU A 167 -7.94 4.93 -3.90
CA GLU A 167 -7.05 3.78 -3.88
C GLU A 167 -7.36 2.83 -2.72
N SER A 168 -7.11 1.55 -2.95
CA SER A 168 -7.31 0.51 -1.97
C SER A 168 -6.03 0.22 -1.20
N PRO A 169 -6.13 -0.45 -0.04
CA PRO A 169 -4.91 -0.85 0.68
C PRO A 169 -4.06 -1.84 -0.11
N THR A 170 -4.61 -2.48 -1.14
CA THR A 170 -3.85 -3.38 -1.99
C THR A 170 -3.29 -2.70 -3.23
N HIS A 171 -3.50 -1.39 -3.39
CA HIS A 171 -2.96 -0.61 -4.51
C HIS A 171 -3.58 -1.01 -5.84
N PHE A 172 -4.78 -1.61 -5.80
CA PHE A 172 -5.39 -2.17 -7.00
C PHE A 172 -5.64 -1.11 -8.08
N LYS A 173 -6.04 0.10 -7.68
CA LYS A 173 -6.38 1.10 -8.70
C LYS A 173 -5.16 1.49 -9.53
N ALA A 174 -4.08 1.88 -8.86
CA ALA A 174 -2.86 2.21 -9.57
C ALA A 174 -2.31 1.00 -10.31
N ASP A 175 -2.45 -0.18 -9.73
CA ASP A 175 -1.90 -1.37 -10.37
C ASP A 175 -2.68 -1.72 -11.65
N LEU A 176 -4.01 -1.58 -11.62
CA LEU A 176 -4.79 -1.81 -12.83
C LEU A 176 -4.48 -0.74 -13.89
N ILE A 177 -4.31 0.51 -13.48
CA ILE A 177 -3.94 1.52 -14.45
C ILE A 177 -2.58 1.19 -15.06
N SER A 178 -1.64 0.73 -14.22
N SER A 178 -1.65 0.72 -14.23
CA SER A 178 -0.32 0.37 -14.71
CA SER A 178 -0.32 0.35 -14.71
C SER A 178 -0.40 -0.76 -15.72
C SER A 178 -0.41 -0.78 -15.73
N TYR A 179 -1.24 -1.77 -15.46
CA TYR A 179 -1.42 -2.87 -16.39
C TYR A 179 -1.93 -2.35 -17.73
N LEU A 180 -2.93 -1.46 -17.69
CA LEU A 180 -3.47 -0.89 -18.93
C LEU A 180 -2.47 0.01 -19.64
N MET A 181 -1.64 0.74 -18.88
N MET A 181 -1.65 0.73 -18.87
CA MET A 181 -0.67 1.61 -19.53
CA MET A 181 -0.65 1.61 -19.48
C MET A 181 0.31 0.83 -20.37
C MET A 181 0.32 0.83 -20.35
N ALA A 182 0.57 -0.43 -20.01
CA ALA A 182 1.55 -1.22 -20.77
C ALA A 182 1.13 -1.45 -22.21
N TYR A 183 -0.16 -1.36 -22.53
CA TYR A 183 -0.62 -1.54 -23.91
C TYR A 183 -0.24 -0.36 -24.80
N ASN A 184 -0.10 0.84 -24.22
CA ASN A 184 0.19 2.05 -24.99
C ASN A 184 -0.85 2.27 -26.09
N ALA A 185 -2.13 2.09 -25.74
CA ALA A 185 -3.21 2.09 -26.71
C ALA A 185 -4.20 3.21 -26.43
N PRO A 186 -4.61 4.00 -27.44
CA PRO A 186 -5.52 5.12 -27.17
C PRO A 186 -6.88 4.70 -26.63
N SER A 187 -7.44 3.58 -27.11
CA SER A 187 -8.72 3.13 -26.57
C SER A 187 -8.63 2.78 -25.09
N LEU A 188 -7.46 2.32 -24.63
CA LEU A 188 -7.30 1.96 -23.23
C LEU A 188 -6.92 3.17 -22.37
N LYS A 189 -6.32 4.21 -22.95
CA LYS A 189 -6.18 5.45 -22.20
C LYS A 189 -7.55 6.00 -21.81
N GLU A 190 -8.56 5.82 -22.67
CA GLU A 190 -9.91 6.26 -22.32
C GLU A 190 -10.41 5.51 -21.10
N TRP A 191 -10.16 4.19 -21.04
CA TRP A 191 -10.57 3.41 -19.88
C TRP A 191 -9.75 3.75 -18.64
N ILE A 192 -8.46 4.08 -18.81
CA ILE A 192 -7.67 4.58 -17.68
C ILE A 192 -8.31 5.83 -17.10
N ASP A 193 -8.78 6.73 -17.96
CA ASP A 193 -9.40 7.95 -17.45
C ASP A 193 -10.72 7.67 -16.76
N VAL A 194 -11.47 6.68 -17.25
CA VAL A 194 -12.66 6.20 -16.53
C VAL A 194 -12.29 5.71 -15.14
N ILE A 195 -11.25 4.87 -15.06
CA ILE A 195 -10.85 4.30 -13.76
C ILE A 195 -10.41 5.41 -12.80
N HIS A 196 -9.65 6.39 -13.29
CA HIS A 196 -9.25 7.52 -12.45
C HIS A 196 -10.44 8.18 -11.78
N LYS A 197 -11.58 8.24 -12.47
CA LYS A 197 -12.76 8.92 -11.96
C LYS A 197 -13.54 8.10 -10.94
N HIS A 198 -13.16 6.86 -10.65
CA HIS A 198 -13.92 6.01 -9.75
C HIS A 198 -13.13 5.69 -8.48
N ASP A 199 -13.88 5.34 -7.44
CA ASP A 199 -13.33 5.02 -6.11
C ASP A 199 -13.23 3.50 -6.00
N LEU A 200 -12.00 2.98 -6.06
CA LEU A 200 -11.76 1.54 -5.98
C LEU A 200 -11.25 1.09 -4.61
N SER A 201 -11.45 1.92 -3.58
CA SER A 201 -10.81 1.69 -2.29
C SER A 201 -11.32 0.45 -1.57
N GLU A 202 -12.49 -0.07 -1.92
CA GLU A 202 -12.97 -1.27 -1.25
C GLU A 202 -12.29 -2.55 -1.72
N THR A 203 -11.39 -2.46 -2.71
CA THR A 203 -10.82 -3.67 -3.31
C THR A 203 -9.88 -4.37 -2.34
N ASN A 204 -10.08 -5.68 -2.15
CA ASN A 204 -9.31 -6.43 -1.18
C ASN A 204 -8.44 -7.51 -1.80
N VAL A 205 -8.29 -7.52 -3.13
CA VAL A 205 -7.38 -8.41 -3.83
C VAL A 205 -6.21 -7.62 -4.42
N TYR A 206 -5.09 -8.32 -4.63
CA TYR A 206 -3.94 -7.75 -5.32
C TYR A 206 -3.95 -8.18 -6.78
N LEU A 207 -3.64 -7.25 -7.66
CA LEU A 207 -3.54 -7.57 -9.08
C LEU A 207 -2.18 -8.21 -9.38
N ILE A 208 -2.20 -9.31 -10.13
CA ILE A 208 -0.95 -9.91 -10.64
C ILE A 208 -1.08 -10.02 -12.15
N GLY A 209 -0.34 -9.16 -12.85
CA GLY A 209 -0.38 -9.19 -14.30
C GLY A 209 0.94 -9.60 -14.92
N SER A 210 0.84 -10.07 -16.16
CA SER A 210 1.98 -10.20 -17.04
C SER A 210 1.74 -9.35 -18.27
N THR A 211 2.81 -8.74 -18.77
N THR A 211 2.78 -8.66 -18.73
CA THR A 211 2.76 -7.98 -20.01
CA THR A 211 2.77 -7.96 -20.01
C THR A 211 4.09 -8.16 -20.72
C THR A 211 4.07 -8.27 -20.72
N PRO A 212 4.11 -8.20 -22.05
CA PRO A 212 5.32 -8.54 -22.78
C PRO A 212 6.44 -7.53 -22.54
N GLY A 213 7.63 -8.04 -22.34
CA GLY A 213 8.79 -7.18 -22.27
C GLY A 213 9.95 -7.84 -21.58
N ARG A 214 11.00 -7.04 -21.42
N ARG A 214 11.00 -7.03 -21.38
CA ARG A 214 12.21 -7.43 -20.72
CA ARG A 214 12.22 -7.45 -20.71
C ARG A 214 12.39 -6.44 -19.58
C ARG A 214 12.48 -6.47 -19.58
N PHE A 215 12.19 -6.89 -18.35
CA PHE A 215 12.11 -6.00 -17.20
C PHE A 215 13.35 -6.13 -16.31
N GLN A 216 14.00 -5.00 -16.05
CA GLN A 216 15.19 -4.91 -15.22
C GLN A 216 14.95 -3.92 -14.09
N GLY A 217 15.88 -3.91 -13.14
CA GLY A 217 15.84 -2.92 -12.07
C GLY A 217 14.54 -3.02 -11.29
N SER A 218 13.96 -1.86 -10.99
CA SER A 218 12.73 -1.84 -10.20
C SER A 218 11.60 -2.54 -10.93
N GLN A 219 11.53 -2.38 -12.26
CA GLN A 219 10.43 -2.93 -13.03
C GLN A 219 10.33 -4.44 -12.95
N LYS A 220 11.39 -5.12 -12.50
CA LYS A 220 11.38 -6.57 -12.45
C LYS A 220 10.27 -7.10 -11.56
N ASP A 221 9.97 -6.40 -10.46
CA ASP A 221 8.93 -6.83 -9.53
C ASP A 221 7.53 -6.47 -9.99
N ASN A 222 7.37 -5.84 -11.16
CA ASN A 222 6.04 -5.39 -11.58
C ASN A 222 5.18 -6.53 -12.12
N TRP A 223 5.77 -7.61 -12.65
CA TRP A 223 5.01 -8.54 -13.46
C TRP A 223 5.38 -9.99 -13.16
N GLY A 224 4.48 -10.90 -13.54
CA GLY A 224 4.84 -12.31 -13.55
C GLY A 224 5.19 -12.88 -12.20
N HIS A 225 6.08 -13.87 -12.21
CA HIS A 225 6.32 -14.55 -10.94
C HIS A 225 7.13 -13.71 -9.97
N PHE A 226 7.85 -12.68 -10.46
CA PHE A 226 8.51 -11.76 -9.54
C PHE A 226 7.51 -10.83 -8.85
N ARG A 227 6.43 -10.48 -9.54
CA ARG A 227 5.34 -9.73 -8.90
C ARG A 227 4.72 -10.56 -7.77
N LEU A 228 4.46 -11.84 -8.04
CA LEU A 228 3.96 -12.71 -6.97
C LEU A 228 4.93 -12.75 -5.81
N LYS A 229 6.21 -12.97 -6.10
CA LYS A 229 7.22 -13.05 -5.05
C LYS A 229 7.24 -11.78 -4.21
N LYS A 230 7.17 -10.61 -4.86
CA LYS A 230 7.22 -9.34 -4.12
C LYS A 230 6.03 -9.22 -3.18
N LEU A 231 4.83 -9.58 -3.66
CA LEU A 231 3.63 -9.49 -2.84
C LEU A 231 3.71 -10.43 -1.65
N LEU A 232 4.23 -11.66 -1.86
CA LEU A 232 4.34 -12.62 -0.78
C LEU A 232 5.40 -12.19 0.24
N LYS A 233 6.50 -11.62 -0.23
CA LYS A 233 7.51 -11.07 0.66
C LYS A 233 6.95 -9.95 1.53
N ASP A 234 6.18 -9.04 0.93
CA ASP A 234 5.73 -7.83 1.62
C ASP A 234 4.45 -8.01 2.43
N HIS A 235 3.57 -8.93 2.05
CA HIS A 235 2.22 -8.95 2.60
C HIS A 235 1.81 -10.32 3.14
N ALA A 236 2.73 -11.27 3.21
CA ALA A 236 2.52 -12.54 3.89
C ALA A 236 3.62 -12.71 4.92
N SER A 237 3.39 -13.58 5.90
CA SER A 237 4.43 -13.87 6.87
C SER A 237 4.72 -15.36 6.88
N SER A 238 5.98 -15.70 7.14
CA SER A 238 6.39 -17.09 7.20
C SER A 238 6.01 -17.69 8.55
N MET A 239 5.57 -18.93 8.53
CA MET A 239 5.22 -19.65 9.74
C MET A 239 6.26 -20.71 10.04
N PRO A 240 6.32 -21.21 11.27
CA PRO A 240 7.20 -22.35 11.55
C PRO A 240 6.79 -23.51 10.66
N ASN A 241 7.78 -24.32 10.29
CA ASN A 241 7.55 -25.51 9.47
C ASN A 241 7.01 -25.14 8.09
N ALA A 242 7.33 -23.91 7.63
CA ALA A 242 6.88 -23.45 6.31
C ALA A 242 7.32 -24.38 5.20
N GLU A 243 8.48 -25.04 5.36
CA GLU A 243 8.94 -25.97 4.34
C GLU A 243 8.00 -27.14 4.16
N SER A 244 7.09 -27.37 5.10
CA SER A 244 6.11 -28.44 4.99
C SER A 244 4.83 -28.00 4.30
N TRP A 245 4.63 -26.68 4.09
CA TRP A 245 3.43 -26.22 3.42
C TRP A 245 3.61 -26.39 1.91
N PRO A 246 2.84 -27.27 1.27
CA PRO A 246 3.00 -27.49 -0.17
C PRO A 246 2.66 -26.27 -1.01
N VAL A 247 3.07 -26.34 -2.27
CA VAL A 247 2.62 -25.43 -3.32
C VAL A 247 1.76 -26.23 -4.27
N VAL A 248 0.62 -25.66 -4.69
CA VAL A 248 -0.27 -26.31 -5.64
C VAL A 248 -0.42 -25.41 -6.85
N GLY A 249 -0.19 -25.96 -8.04
CA GLY A 249 -0.44 -25.26 -9.29
C GLY A 249 -1.40 -26.08 -10.12
N GLN A 250 -2.37 -25.41 -10.73
CA GLN A 250 -3.50 -26.07 -11.39
C GLN A 250 -3.78 -25.31 -12.68
N PHE A 251 -3.75 -26.00 -13.82
CA PHE A 251 -3.62 -25.27 -15.09
C PHE A 251 -4.23 -26.12 -16.21
N SER A 252 -4.39 -25.50 -17.38
CA SER A 252 -4.98 -26.20 -18.51
C SER A 252 -4.03 -26.33 -19.70
N SER A 253 -2.80 -25.82 -19.57
CA SER A 253 -1.81 -25.92 -20.63
C SER A 253 -0.42 -25.91 -19.99
N VAL A 254 0.53 -26.55 -20.66
CA VAL A 254 1.90 -26.66 -20.18
C VAL A 254 2.84 -26.22 -21.28
N GLY A 255 3.75 -25.29 -20.97
CA GLY A 255 4.76 -24.90 -21.91
C GLY A 255 5.97 -25.79 -21.83
N SER A 256 6.97 -25.47 -22.65
N SER A 256 6.95 -25.49 -22.67
CA SER A 256 8.25 -26.18 -22.62
CA SER A 256 8.24 -26.17 -22.61
C SER A 256 9.05 -25.65 -21.44
C SER A 256 9.02 -25.63 -21.42
N LEU A 257 9.24 -26.47 -20.41
CA LEU A 257 9.88 -26.03 -19.17
C LEU A 257 11.35 -26.38 -19.08
N GLY A 258 11.88 -27.15 -20.02
CA GLY A 258 13.29 -27.47 -20.05
C GLY A 258 13.53 -28.95 -19.80
N ALA A 259 14.82 -29.31 -19.88
CA ALA A 259 15.23 -30.71 -19.85
C ALA A 259 15.14 -31.32 -18.46
N ASP A 260 15.04 -30.52 -17.41
CA ASP A 260 14.86 -31.06 -16.06
C ASP A 260 14.26 -29.98 -15.18
N GLU A 261 13.93 -30.36 -13.94
CA GLU A 261 13.19 -29.46 -13.08
C GLU A 261 14.03 -28.27 -12.62
N SER A 262 15.36 -28.35 -12.70
CA SER A 262 16.20 -27.25 -12.26
C SER A 262 16.28 -26.10 -13.27
N LYS A 263 15.82 -26.31 -14.52
CA LYS A 263 15.97 -25.28 -15.53
C LYS A 263 15.05 -24.09 -15.26
N TRP A 264 13.86 -24.34 -14.72
CA TRP A 264 12.92 -23.25 -14.47
C TRP A 264 11.90 -23.60 -13.39
N LEU A 265 11.34 -24.80 -13.45
CA LEU A 265 10.18 -25.12 -12.61
C LEU A 265 10.54 -25.07 -11.14
N CYS A 266 11.62 -25.73 -10.76
CA CYS A 266 11.98 -25.87 -9.36
C CYS A 266 13.09 -24.92 -8.97
N SER A 267 13.62 -24.15 -9.94
CA SER A 267 14.54 -23.09 -9.61
C SER A 267 13.74 -21.82 -9.39
N GLU A 268 13.49 -21.03 -10.44
CA GLU A 268 12.94 -19.71 -10.20
C GLU A 268 11.43 -19.73 -9.96
N PHE A 269 10.68 -20.58 -10.67
CA PHE A 269 9.22 -20.57 -10.51
C PHE A 269 8.81 -21.01 -9.10
N LYS A 270 9.27 -22.20 -8.68
CA LYS A 270 8.94 -22.67 -7.33
C LYS A 270 9.47 -21.71 -6.27
N GLU A 271 10.67 -21.15 -6.49
CA GLU A 271 11.25 -20.24 -5.51
C GLU A 271 10.37 -19.02 -5.27
N SER A 272 9.79 -18.45 -6.33
CA SER A 272 8.83 -17.36 -6.11
C SER A 272 7.60 -17.85 -5.37
N MET A 273 7.07 -19.00 -5.77
CA MET A 273 5.85 -19.53 -5.17
C MET A 273 6.00 -19.86 -3.70
N LEU A 274 7.22 -20.23 -3.27
N LEU A 274 7.21 -20.21 -3.25
CA LEU A 274 7.48 -20.58 -1.87
CA LEU A 274 7.40 -20.58 -1.86
C LEU A 274 7.65 -19.38 -0.96
C LEU A 274 7.79 -19.40 -0.98
N THR A 275 7.85 -18.19 -1.52
CA THR A 275 8.17 -17.03 -0.70
C THR A 275 7.08 -16.73 0.31
N LEU A 276 7.50 -16.44 1.54
CA LEU A 276 6.61 -15.92 2.59
C LEU A 276 7.41 -14.99 3.48
N GLY A 277 7.03 -13.72 3.53
CA GLY A 277 7.66 -12.78 4.43
C GLY A 277 9.01 -12.29 3.94
N LYS A 278 9.67 -11.51 4.79
CA LYS A 278 10.82 -10.73 4.38
C LYS A 278 12.15 -11.35 4.74
N GLU A 279 12.18 -12.44 5.51
CA GLU A 279 13.44 -12.99 5.96
C GLU A 279 13.94 -14.05 4.97
N SER A 280 15.12 -14.60 5.25
CA SER A 280 15.71 -15.60 4.37
C SER A 280 15.69 -16.99 5.02
N SER A 286 15.17 -27.20 -1.59
CA SER A 286 13.96 -26.98 -0.79
C SER A 286 13.10 -28.23 -0.70
N SER A 287 12.63 -28.52 0.51
CA SER A 287 11.81 -29.70 0.77
C SER A 287 10.33 -29.51 0.44
N VAL A 288 9.94 -28.34 -0.07
CA VAL A 288 8.54 -27.99 -0.21
C VAL A 288 7.88 -28.88 -1.27
N PRO A 289 6.84 -29.64 -0.90
CA PRO A 289 6.14 -30.46 -1.90
C PRO A 289 5.46 -29.60 -2.94
N LEU A 290 5.53 -30.06 -4.20
CA LEU A 290 4.91 -29.36 -5.32
C LEU A 290 3.89 -30.27 -5.97
N TYR A 291 2.63 -29.87 -5.94
CA TYR A 291 1.53 -30.59 -6.56
C TYR A 291 1.10 -29.84 -7.82
N LEU A 292 1.16 -30.50 -8.97
CA LEU A 292 0.64 -29.94 -10.21
C LEU A 292 -0.63 -30.71 -10.59
N ILE A 293 -1.72 -29.98 -10.87
CA ILE A 293 -3.01 -30.59 -11.19
C ILE A 293 -3.30 -30.32 -12.66
N TYR A 294 -3.44 -31.40 -13.45
CA TYR A 294 -3.67 -31.30 -14.88
C TYR A 294 -4.45 -32.53 -15.33
N PRO A 295 -5.49 -32.38 -16.14
CA PRO A 295 -6.35 -33.53 -16.49
C PRO A 295 -5.60 -34.68 -17.14
N SER A 296 -5.88 -35.88 -16.65
CA SER A 296 -5.41 -37.08 -17.32
C SER A 296 -6.28 -37.38 -18.55
N VAL A 297 -5.80 -38.31 -19.39
CA VAL A 297 -6.61 -38.75 -20.52
C VAL A 297 -7.96 -39.27 -20.03
N GLU A 298 -7.96 -40.04 -18.94
N GLU A 298 -7.96 -40.04 -18.94
CA GLU A 298 -9.21 -40.58 -18.42
CA GLU A 298 -9.22 -40.58 -18.41
C GLU A 298 -10.13 -39.47 -17.92
C GLU A 298 -10.14 -39.46 -17.92
N ASN A 299 -9.56 -38.43 -17.29
CA ASN A 299 -10.37 -37.27 -16.89
C ASN A 299 -11.13 -36.71 -18.08
N VAL A 300 -10.42 -36.54 -19.20
CA VAL A 300 -11.01 -35.94 -20.39
C VAL A 300 -12.03 -36.89 -21.02
N ARG A 301 -11.68 -38.18 -21.14
CA ARG A 301 -12.58 -39.14 -21.80
C ARG A 301 -13.94 -39.21 -21.11
N THR A 302 -13.94 -39.25 -19.78
CA THR A 302 -15.17 -39.40 -19.02
C THR A 302 -15.83 -38.08 -18.69
N SER A 303 -15.32 -36.98 -19.23
CA SER A 303 -15.85 -35.66 -18.90
C SER A 303 -17.20 -35.43 -19.60
N LEU A 304 -17.89 -34.37 -19.17
CA LEU A 304 -19.17 -33.99 -19.78
C LEU A 304 -19.05 -33.77 -21.29
N GLU A 305 -17.98 -33.11 -21.74
CA GLU A 305 -17.75 -32.86 -23.15
C GLU A 305 -17.17 -34.07 -23.88
N GLY A 306 -16.54 -34.98 -23.16
CA GLY A 306 -15.80 -36.06 -23.77
C GLY A 306 -14.46 -35.55 -24.29
N TYR A 307 -13.89 -36.30 -25.26
CA TYR A 307 -12.60 -35.93 -25.81
C TYR A 307 -12.53 -34.49 -26.34
N PRO A 308 -13.61 -33.92 -26.92
CA PRO A 308 -13.52 -32.51 -27.35
C PRO A 308 -13.13 -31.54 -26.26
N ALA A 309 -13.31 -31.88 -24.97
CA ALA A 309 -12.78 -31.02 -23.92
C ALA A 309 -11.27 -30.82 -24.08
N GLY A 310 -10.60 -31.82 -24.66
CA GLY A 310 -9.18 -31.75 -24.89
C GLY A 310 -8.75 -30.75 -25.95
N GLY A 311 -9.68 -30.26 -26.75
CA GLY A 311 -9.38 -29.14 -27.64
C GLY A 311 -9.00 -27.87 -26.92
N SER A 312 -9.34 -27.74 -25.63
CA SER A 312 -8.95 -26.60 -24.81
C SER A 312 -7.94 -26.96 -23.74
N LEU A 313 -7.24 -28.08 -23.93
CA LEU A 313 -6.13 -28.51 -23.08
C LEU A 313 -4.93 -28.71 -23.98
N PRO A 314 -4.33 -27.61 -24.46
CA PRO A 314 -3.40 -27.74 -25.61
C PRO A 314 -1.96 -28.07 -25.21
N TYR A 315 -1.75 -29.33 -24.83
CA TYR A 315 -0.44 -29.87 -24.51
C TYR A 315 0.00 -30.77 -25.66
N SER A 316 1.06 -30.39 -26.35
CA SER A 316 1.49 -31.10 -27.55
C SER A 316 2.45 -32.24 -27.21
N ILE A 317 2.41 -33.29 -28.05
CA ILE A 317 3.35 -34.40 -27.90
C ILE A 317 4.79 -33.95 -28.09
N GLN A 318 5.02 -32.97 -28.98
CA GLN A 318 6.37 -32.48 -29.22
C GLN A 318 6.96 -31.85 -27.96
N THR A 319 6.14 -31.12 -27.22
CA THR A 319 6.59 -30.55 -25.95
C THR A 319 6.69 -31.62 -24.87
N ALA A 320 5.68 -32.48 -24.77
CA ALA A 320 5.62 -33.43 -23.66
C ALA A 320 6.76 -34.43 -23.71
N GLU A 321 7.13 -34.90 -24.90
CA GLU A 321 8.18 -35.91 -25.00
C GLU A 321 9.55 -35.37 -24.62
N LYS A 322 9.70 -34.05 -24.50
CA LYS A 322 10.95 -33.43 -24.08
C LYS A 322 11.06 -33.26 -22.58
N GLN A 323 9.99 -33.55 -21.82
CA GLN A 323 9.98 -33.24 -20.39
C GLN A 323 9.17 -34.29 -19.63
N ASN A 324 9.42 -35.57 -19.90
CA ASN A 324 8.67 -36.60 -19.19
C ASN A 324 8.92 -36.56 -17.68
N TRP A 325 10.06 -36.00 -17.25
CA TRP A 325 10.29 -35.78 -15.82
C TRP A 325 9.14 -35.02 -15.17
N LEU A 326 8.48 -34.13 -15.92
CA LEU A 326 7.44 -33.28 -15.34
C LEU A 326 6.23 -34.09 -14.88
N HIS A 327 5.92 -35.18 -15.58
CA HIS A 327 4.64 -35.83 -15.34
C HIS A 327 4.59 -36.55 -14.00
N SER A 328 5.74 -36.82 -13.39
N SER A 328 5.73 -36.81 -13.38
CA SER A 328 5.75 -37.36 -12.03
CA SER A 328 5.75 -37.36 -12.03
C SER A 328 5.21 -36.37 -11.01
C SER A 328 5.18 -36.37 -11.01
N TYR A 329 5.03 -35.10 -11.38
CA TYR A 329 4.40 -34.10 -10.52
C TYR A 329 2.89 -34.04 -10.69
N PHE A 330 2.31 -34.79 -11.64
CA PHE A 330 0.96 -34.54 -12.09
C PHE A 330 -0.06 -35.28 -11.25
N HIS A 331 -1.14 -34.57 -10.93
CA HIS A 331 -2.26 -35.05 -10.14
C HIS A 331 -3.55 -34.87 -10.92
N LYS A 332 -4.48 -35.81 -10.76
CA LYS A 332 -5.72 -35.80 -11.52
C LYS A 332 -6.60 -34.61 -11.16
N TRP A 333 -7.47 -34.25 -12.08
CA TRP A 333 -8.53 -33.29 -11.76
C TRP A 333 -9.63 -33.99 -10.99
N SER A 334 -10.01 -33.42 -9.85
CA SER A 334 -11.09 -33.96 -9.05
C SER A 334 -11.77 -32.78 -8.34
N ALA A 335 -13.09 -32.69 -8.45
CA ALA A 335 -13.78 -31.52 -7.89
C ALA A 335 -15.15 -31.90 -7.33
N GLU A 336 -15.20 -32.98 -6.54
CA GLU A 336 -16.47 -33.34 -5.88
C GLU A 336 -16.99 -32.19 -5.03
N THR A 337 -16.08 -31.41 -4.43
CA THR A 337 -16.49 -30.31 -3.56
C THR A 337 -17.42 -29.33 -4.27
N SER A 338 -17.26 -29.15 -5.58
CA SER A 338 -18.11 -28.27 -6.37
C SER A 338 -18.89 -29.01 -7.44
N GLY A 339 -18.99 -30.34 -7.33
CA GLY A 339 -19.72 -31.13 -8.30
C GLY A 339 -19.17 -31.07 -9.70
N ARG A 340 -17.88 -30.77 -9.85
CA ARG A 340 -17.30 -30.46 -11.15
C ARG A 340 -16.18 -31.41 -11.57
N SER A 341 -16.14 -32.64 -11.02
CA SER A 341 -15.10 -33.57 -11.46
C SER A 341 -15.19 -33.86 -12.95
N ASN A 342 -16.38 -33.79 -13.56
CA ASN A 342 -16.51 -34.06 -14.98
C ASN A 342 -16.60 -32.78 -15.82
N ALA A 343 -16.33 -31.63 -15.22
CA ALA A 343 -16.32 -30.36 -15.93
C ALA A 343 -14.86 -29.94 -16.05
N MET A 344 -14.27 -30.16 -17.23
CA MET A 344 -12.82 -30.05 -17.35
C MET A 344 -12.37 -28.62 -17.02
N PRO A 345 -11.21 -28.47 -16.38
CA PRO A 345 -10.78 -27.14 -15.92
C PRO A 345 -10.22 -26.31 -17.07
N HIS A 346 -10.71 -25.09 -17.17
CA HIS A 346 -10.03 -24.03 -17.91
C HIS A 346 -9.64 -22.89 -16.99
N ILE A 347 -10.11 -22.93 -15.75
CA ILE A 347 -9.56 -22.08 -14.70
C ILE A 347 -8.08 -22.43 -14.49
N LYS A 348 -7.30 -21.44 -14.04
CA LYS A 348 -5.96 -21.70 -13.53
C LYS A 348 -5.89 -21.12 -12.13
N THR A 349 -5.31 -21.88 -11.20
CA THR A 349 -5.19 -21.45 -9.81
C THR A 349 -3.84 -21.91 -9.26
N TYR A 350 -3.35 -21.15 -8.27
CA TYR A 350 -2.12 -21.45 -7.56
C TYR A 350 -2.38 -21.13 -6.10
N MET A 351 -1.90 -21.98 -5.19
CA MET A 351 -2.17 -21.71 -3.77
C MET A 351 -1.14 -22.41 -2.91
N ARG A 352 -1.18 -22.08 -1.61
CA ARG A 352 -0.19 -22.53 -0.64
C ARG A 352 -0.89 -23.15 0.57
N PRO A 353 -1.31 -24.40 0.47
CA PRO A 353 -2.02 -25.04 1.58
C PRO A 353 -1.08 -25.45 2.72
N SER A 354 -1.68 -25.67 3.88
CA SER A 354 -0.97 -26.22 5.04
C SER A 354 -0.69 -27.70 4.80
N PRO A 355 0.15 -28.34 5.63
CA PRO A 355 0.50 -29.74 5.35
C PRO A 355 -0.68 -30.69 5.37
N ASP A 356 -1.75 -30.39 6.13
CA ASP A 356 -2.95 -31.22 6.10
C ASP A 356 -4.05 -30.64 5.22
N PHE A 357 -3.73 -29.60 4.42
CA PHE A 357 -4.65 -29.02 3.45
C PHE A 357 -5.91 -28.42 4.08
N SER A 358 -5.88 -28.13 5.38
CA SER A 358 -7.03 -27.55 6.06
C SER A 358 -7.05 -26.03 6.00
N LYS A 359 -5.91 -25.40 5.73
CA LYS A 359 -5.78 -23.95 5.63
C LYS A 359 -4.96 -23.62 4.39
N ILE A 360 -5.02 -22.36 3.94
CA ILE A 360 -4.15 -21.90 2.86
C ILE A 360 -3.57 -20.54 3.24
N ALA A 361 -2.32 -20.32 2.83
CA ALA A 361 -1.63 -19.06 3.07
C ALA A 361 -1.96 -17.99 2.03
N TRP A 362 -2.45 -18.39 0.86
CA TRP A 362 -2.88 -17.48 -0.20
C TRP A 362 -3.51 -18.32 -1.31
N PHE A 363 -4.23 -17.63 -2.20
CA PHE A 363 -4.89 -18.25 -3.34
C PHE A 363 -4.86 -17.26 -4.50
N LEU A 364 -4.53 -17.75 -5.70
CA LEU A 364 -4.46 -16.91 -6.89
C LEU A 364 -5.32 -17.56 -7.97
N VAL A 365 -6.22 -16.79 -8.58
CA VAL A 365 -6.91 -17.22 -9.79
C VAL A 365 -6.42 -16.34 -10.94
N THR A 366 -6.13 -16.96 -12.09
CA THR A 366 -5.43 -16.23 -13.15
C THR A 366 -5.68 -16.90 -14.49
N SER A 367 -5.35 -16.16 -15.55
CA SER A 367 -5.27 -16.75 -16.88
C SER A 367 -3.98 -17.51 -17.13
N ALA A 368 -2.98 -17.35 -16.25
CA ALA A 368 -1.63 -17.84 -16.53
C ALA A 368 -1.52 -19.36 -16.36
N ASN A 369 -1.17 -20.05 -17.44
CA ASN A 369 -0.87 -21.48 -17.43
C ASN A 369 0.56 -21.69 -16.94
N LEU A 370 0.99 -22.96 -16.90
CA LEU A 370 2.31 -23.31 -16.40
C LEU A 370 3.31 -23.19 -17.55
N SER A 371 3.76 -21.95 -17.79
CA SER A 371 4.67 -21.69 -18.89
C SER A 371 5.54 -20.49 -18.58
N LYS A 372 6.76 -20.52 -19.14
CA LYS A 372 7.64 -19.36 -19.07
C LYS A 372 7.05 -18.15 -19.78
N ALA A 373 6.33 -18.37 -20.88
CA ALA A 373 5.76 -17.24 -21.63
C ALA A 373 4.82 -16.43 -20.75
N ALA A 374 4.07 -17.11 -19.89
CA ALA A 374 3.06 -16.48 -19.04
C ALA A 374 3.64 -15.90 -17.77
N TRP A 375 4.58 -16.62 -17.13
CA TRP A 375 5.07 -16.25 -15.82
C TRP A 375 6.38 -15.47 -15.86
N GLY A 376 7.14 -15.58 -16.94
CA GLY A 376 8.42 -14.93 -17.02
C GLY A 376 9.57 -15.90 -16.83
N ALA A 377 10.68 -15.63 -17.52
CA ALA A 377 11.90 -16.40 -17.37
C ALA A 377 13.06 -15.43 -17.19
N LEU A 378 13.91 -15.71 -16.21
CA LEU A 378 15.04 -14.84 -15.93
C LEU A 378 16.06 -14.89 -17.07
N GLU A 379 16.62 -13.73 -17.40
CA GLU A 379 17.63 -13.59 -18.45
C GLU A 379 18.72 -12.66 -17.95
N LYS A 380 19.83 -12.61 -18.69
CA LYS A 380 20.92 -11.66 -18.45
C LYS A 380 21.48 -11.85 -17.04
N ASN A 381 21.89 -13.08 -16.74
CA ASN A 381 22.56 -13.39 -15.48
C ASN A 381 21.65 -13.07 -14.29
N GLY A 382 20.36 -13.34 -14.46
CA GLY A 382 19.38 -13.16 -13.41
C GLY A 382 18.92 -11.74 -13.16
N THR A 383 19.29 -10.79 -14.02
CA THR A 383 18.96 -9.38 -13.81
C THR A 383 17.74 -8.93 -14.60
N GLN A 384 17.16 -9.77 -15.44
CA GLN A 384 16.09 -9.34 -16.32
C GLN A 384 15.03 -10.43 -16.36
N LEU A 385 13.76 -10.05 -16.25
CA LEU A 385 12.65 -10.99 -16.38
C LEU A 385 12.00 -10.76 -17.75
N MET A 386 12.02 -11.78 -18.59
CA MET A 386 11.42 -11.69 -19.92
C MET A 386 10.07 -12.40 -19.92
N ILE A 387 9.04 -11.69 -20.38
CA ILE A 387 7.68 -12.20 -20.44
C ILE A 387 7.20 -12.04 -21.87
N ARG A 388 6.56 -13.08 -22.41
CA ARG A 388 6.08 -13.00 -23.79
C ARG A 388 4.64 -12.55 -23.92
N SER A 389 3.82 -12.74 -22.88
CA SER A 389 2.37 -12.71 -23.04
C SER A 389 1.72 -11.70 -22.10
N TYR A 390 0.46 -11.37 -22.39
CA TYR A 390 -0.43 -10.71 -21.44
C TYR A 390 -1.18 -11.78 -20.64
N GLU A 391 -1.15 -11.66 -19.33
CA GLU A 391 -1.89 -12.51 -18.40
C GLU A 391 -2.42 -11.64 -17.28
N LEU A 392 -3.46 -12.11 -16.59
CA LEU A 392 -3.99 -11.33 -15.48
C LEU A 392 -4.68 -12.25 -14.48
N GLY A 393 -4.46 -11.98 -13.20
CA GLY A 393 -5.13 -12.69 -12.14
C GLY A 393 -5.22 -11.83 -10.89
N VAL A 394 -5.89 -12.37 -9.86
CA VAL A 394 -6.02 -11.66 -8.60
C VAL A 394 -5.60 -12.59 -7.48
N LEU A 395 -4.89 -12.02 -6.51
CA LEU A 395 -4.32 -12.73 -5.39
C LEU A 395 -5.10 -12.42 -4.12
N PHE A 396 -5.54 -13.48 -3.43
CA PHE A 396 -6.21 -13.39 -2.14
C PHE A 396 -5.18 -13.67 -1.07
N LEU A 397 -4.86 -12.65 -0.24
CA LEU A 397 -3.93 -12.80 0.87
C LEU A 397 -4.66 -12.65 2.20
N PRO A 398 -4.42 -13.52 3.18
CA PRO A 398 -5.13 -13.38 4.47
C PRO A 398 -4.97 -12.00 5.10
N SER A 399 -3.78 -11.39 5.01
CA SER A 399 -3.57 -10.07 5.60
C SER A 399 -4.53 -9.03 5.04
N ALA A 400 -4.95 -9.19 3.78
CA ALA A 400 -5.88 -8.23 3.20
C ALA A 400 -7.29 -8.39 3.76
N PHE A 401 -7.53 -9.43 4.56
CA PHE A 401 -8.83 -9.66 5.16
C PHE A 401 -8.75 -9.64 6.68
N GLY A 402 -7.65 -9.18 7.24
CA GLY A 402 -7.49 -9.18 8.69
C GLY A 402 -7.23 -10.54 9.28
N LEU A 403 -6.68 -11.47 8.49
CA LEU A 403 -6.51 -12.86 8.89
C LEU A 403 -5.05 -13.29 8.75
N ASP A 404 -4.69 -14.35 9.49
CA ASP A 404 -3.37 -14.94 9.34
C ASP A 404 -3.35 -16.08 8.33
N SER A 405 -4.47 -16.76 8.12
CA SER A 405 -4.62 -17.76 7.07
C SER A 405 -6.10 -17.86 6.74
N PHE A 406 -6.40 -18.54 5.63
CA PHE A 406 -7.78 -18.89 5.27
C PHE A 406 -8.05 -20.35 5.62
N LYS A 407 -9.15 -20.61 6.30
N LYS A 407 -9.14 -20.60 6.32
CA LYS A 407 -9.64 -21.97 6.40
CA LYS A 407 -9.66 -21.96 6.37
C LYS A 407 -10.26 -22.40 5.07
C LYS A 407 -10.18 -22.37 4.99
N VAL A 408 -10.01 -23.64 4.66
CA VAL A 408 -10.54 -24.15 3.40
C VAL A 408 -12.01 -24.52 3.59
N LYS A 409 -12.87 -24.04 2.70
N LYS A 409 -12.86 -24.04 2.70
CA LYS A 409 -14.28 -24.40 2.73
CA LYS A 409 -14.28 -24.40 2.72
C LYS A 409 -14.45 -25.87 2.36
C LYS A 409 -14.44 -25.87 2.36
N GLN A 410 -15.17 -26.61 3.19
CA GLN A 410 -15.30 -28.04 2.97
C GLN A 410 -16.13 -28.36 1.73
N LYS A 411 -17.29 -27.71 1.57
CA LYS A 411 -18.09 -27.83 0.36
C LYS A 411 -18.17 -26.45 -0.30
N PHE A 412 -17.83 -26.39 -1.59
CA PHE A 412 -17.66 -25.10 -2.26
C PHE A 412 -18.92 -24.24 -2.17
N PHE A 413 -20.09 -24.84 -2.33
CA PHE A 413 -21.37 -24.12 -2.36
C PHE A 413 -22.13 -24.25 -1.04
N ALA A 414 -21.45 -24.51 0.07
CA ALA A 414 -22.13 -24.77 1.34
C ALA A 414 -22.21 -23.49 2.18
N GLY A 415 -22.65 -23.65 3.44
CA GLY A 415 -22.77 -22.54 4.35
C GLY A 415 -21.93 -22.69 5.60
N SER A 416 -20.65 -22.33 5.50
CA SER A 416 -19.72 -22.49 6.61
C SER A 416 -20.12 -21.59 7.78
N GLN A 417 -19.64 -21.97 8.97
CA GLN A 417 -19.91 -21.22 10.18
C GLN A 417 -19.21 -19.87 10.21
N GLU A 418 -18.31 -19.60 9.27
CA GLU A 418 -17.59 -18.33 9.20
C GLU A 418 -17.22 -18.03 7.76
N PRO A 419 -18.15 -17.50 6.97
CA PRO A 419 -17.86 -17.25 5.55
C PRO A 419 -16.77 -16.23 5.32
N MET A 420 -16.53 -15.32 6.27
CA MET A 420 -15.51 -14.29 6.09
C MET A 420 -14.11 -14.78 6.38
N ALA A 421 -13.96 -16.03 6.82
CA ALA A 421 -12.64 -16.62 7.04
C ALA A 421 -12.41 -17.89 6.24
N THR A 422 -13.36 -18.28 5.39
CA THR A 422 -13.44 -19.63 4.83
C THR A 422 -13.39 -19.58 3.30
N PHE A 423 -12.24 -20.01 2.72
CA PHE A 423 -12.05 -19.73 1.30
C PHE A 423 -12.60 -20.84 0.42
N PRO A 424 -13.35 -20.53 -0.63
CA PRO A 424 -13.96 -21.55 -1.50
C PRO A 424 -13.00 -22.12 -2.54
N VAL A 425 -12.21 -23.11 -2.15
CA VAL A 425 -11.34 -23.81 -3.08
C VAL A 425 -12.19 -24.70 -3.98
N PRO A 426 -12.12 -24.58 -5.32
CA PRO A 426 -13.12 -25.24 -6.18
C PRO A 426 -12.83 -26.69 -6.53
N TYR A 427 -11.71 -27.25 -6.10
CA TYR A 427 -11.40 -28.65 -6.36
C TYR A 427 -10.94 -29.33 -5.07
N ASP A 428 -10.82 -30.65 -5.15
CA ASP A 428 -10.64 -31.49 -3.97
C ASP A 428 -9.20 -31.46 -3.47
N LEU A 429 -9.04 -31.47 -2.15
CA LEU A 429 -7.77 -31.61 -1.48
C LEU A 429 -7.78 -32.83 -0.56
N PRO A 430 -6.64 -33.53 -0.44
CA PRO A 430 -5.39 -33.37 -1.19
C PRO A 430 -5.58 -33.82 -2.63
N PRO A 431 -4.79 -33.27 -3.55
CA PRO A 431 -4.84 -33.77 -4.93
C PRO A 431 -4.35 -35.20 -5.00
N GLU A 432 -4.89 -35.94 -5.97
CA GLU A 432 -4.60 -37.36 -6.12
C GLU A 432 -3.59 -37.57 -7.25
N LEU A 433 -2.48 -38.24 -6.93
CA LEU A 433 -1.45 -38.53 -7.92
C LEU A 433 -2.02 -39.39 -9.06
N TYR A 434 -1.53 -39.14 -10.28
CA TYR A 434 -1.82 -40.06 -11.39
C TYR A 434 -1.51 -41.49 -10.99
N GLY A 435 -2.35 -42.43 -11.45
CA GLY A 435 -2.00 -43.84 -11.34
C GLY A 435 -0.96 -44.25 -12.38
N SER A 436 -0.43 -45.46 -12.22
CA SER A 436 0.62 -45.93 -13.13
C SER A 436 0.12 -46.01 -14.56
N LYS A 437 -1.18 -46.19 -14.77
CA LYS A 437 -1.75 -46.28 -16.11
C LYS A 437 -2.28 -44.95 -16.62
N ASP A 438 -2.24 -43.91 -15.79
CA ASP A 438 -2.69 -42.61 -16.27
C ASP A 438 -1.61 -41.94 -17.10
N ARG A 439 -2.04 -41.04 -17.98
CA ARG A 439 -1.16 -40.25 -18.83
C ARG A 439 -1.72 -38.85 -18.87
N PRO A 440 -0.89 -37.83 -19.03
CA PRO A 440 -1.43 -36.47 -19.17
C PRO A 440 -2.17 -36.36 -20.50
N TRP A 441 -3.25 -35.58 -20.49
CA TRP A 441 -3.92 -35.28 -21.74
C TRP A 441 -2.96 -34.59 -22.69
N ILE A 442 -2.78 -35.17 -23.87
CA ILE A 442 -1.96 -34.62 -24.94
C ILE A 442 -2.87 -34.51 -26.16
N TRP A 443 -3.04 -33.30 -26.67
CA TRP A 443 -4.20 -33.07 -27.54
C TRP A 443 -3.99 -33.51 -28.99
N ASN A 444 -2.74 -33.67 -29.44
CA ASN A 444 -2.48 -33.94 -30.86
C ASN A 444 -1.99 -35.36 -31.10
N ILE A 445 -2.44 -36.31 -30.30
CA ILE A 445 -2.25 -37.74 -30.60
C ILE A 445 -3.61 -38.41 -30.46
N PRO A 446 -3.81 -39.54 -31.13
CA PRO A 446 -5.13 -40.19 -31.11
C PRO A 446 -5.37 -41.02 -29.86
N TYR A 447 -6.64 -41.10 -29.47
CA TYR A 447 -7.11 -42.00 -28.41
C TYR A 447 -8.26 -42.82 -28.97
N VAL A 448 -8.02 -44.11 -29.19
CA VAL A 448 -8.97 -44.93 -29.93
C VAL A 448 -9.22 -46.24 -29.19
N LYS A 449 -8.84 -46.30 -27.91
CA LYS A 449 -8.99 -47.53 -27.14
C LYS A 449 -10.31 -47.61 -26.39
N ALA A 450 -10.87 -46.47 -25.99
CA ALA A 450 -12.12 -46.46 -25.25
C ALA A 450 -12.88 -45.19 -25.65
N PRO A 451 -14.18 -45.29 -25.87
CA PRO A 451 -14.94 -44.12 -26.33
C PRO A 451 -15.27 -43.17 -25.19
N ASP A 452 -15.60 -41.94 -25.55
CA ASP A 452 -15.90 -40.91 -24.56
C ASP A 452 -17.39 -40.93 -24.23
N THR A 453 -17.84 -39.97 -23.42
CA THR A 453 -19.23 -39.93 -22.97
C THR A 453 -20.22 -39.67 -24.11
N HIS A 454 -19.76 -39.26 -25.29
CA HIS A 454 -20.64 -39.08 -26.43
C HIS A 454 -20.56 -40.24 -27.41
N GLY A 455 -19.76 -41.26 -27.09
CA GLY A 455 -19.62 -42.43 -27.92
C GLY A 455 -18.52 -42.37 -28.96
N ASN A 456 -17.58 -41.42 -28.85
CA ASN A 456 -16.62 -41.14 -29.90
C ASN A 456 -15.19 -41.37 -29.45
N MET A 457 -14.31 -41.59 -30.44
CA MET A 457 -12.88 -41.61 -30.23
C MET A 457 -12.29 -40.22 -30.52
N TRP A 458 -10.97 -40.10 -30.42
CA TRP A 458 -10.27 -38.85 -30.67
C TRP A 458 -9.18 -39.11 -31.69
N VAL A 459 -9.35 -38.51 -32.88
CA VAL A 459 -8.41 -38.70 -33.99
C VAL A 459 -8.10 -37.32 -34.57
N PRO A 460 -7.04 -36.65 -34.10
CA PRO A 460 -6.68 -35.29 -34.53
C PRO A 460 -6.05 -35.22 -35.90
N ASN B 15 -10.73 21.60 3.61
CA ASN B 15 -9.47 20.88 3.59
C ASN B 15 -9.65 19.38 3.80
N PRO B 16 -8.85 18.58 3.09
CA PRO B 16 -8.68 17.16 3.44
C PRO B 16 -7.48 16.86 4.31
N PHE B 17 -6.66 17.88 4.61
CA PHE B 17 -5.36 17.60 5.17
C PHE B 17 -5.38 17.42 6.68
N GLN B 18 -6.28 18.13 7.38
CA GLN B 18 -6.40 18.03 8.84
C GLN B 18 -5.07 18.33 9.51
N PHE B 19 -4.39 19.35 8.99
CA PHE B 19 -3.16 19.88 9.57
C PHE B 19 -3.51 21.20 10.22
N TYR B 20 -3.21 21.31 11.52
CA TYR B 20 -3.58 22.46 12.33
C TYR B 20 -2.35 23.01 13.03
N LEU B 21 -2.42 24.30 13.36
CA LEU B 21 -1.49 24.89 14.32
C LEU B 21 -2.16 25.02 15.69
N THR B 22 -1.33 25.07 16.73
CA THR B 22 -1.88 25.32 18.05
C THR B 22 -2.28 26.78 18.19
N ARG B 23 -3.21 27.04 19.10
N ARG B 23 -3.20 27.04 19.12
CA ARG B 23 -3.60 28.39 19.45
CA ARG B 23 -3.60 28.39 19.45
C ARG B 23 -2.43 29.18 20.03
C ARG B 23 -2.45 29.19 20.06
N VAL B 24 -2.32 30.45 19.66
CA VAL B 24 -1.27 31.34 20.16
C VAL B 24 -1.93 32.48 20.92
N SER B 25 -1.53 32.64 22.18
N SER B 25 -1.55 32.63 22.18
CA SER B 25 -2.03 33.75 22.98
CA SER B 25 -2.01 33.76 22.98
C SER B 25 -1.29 35.03 22.62
C SER B 25 -1.28 35.02 22.56
N GLY B 26 -2.05 36.07 22.30
CA GLY B 26 -1.47 37.37 22.01
C GLY B 26 -1.41 37.75 20.55
N VAL B 27 -2.00 36.94 19.66
CA VAL B 27 -2.20 37.34 18.28
C VAL B 27 -3.68 37.63 18.10
N LYS B 28 -3.99 38.37 17.03
CA LYS B 28 -5.37 38.68 16.73
C LYS B 28 -6.20 37.40 16.59
N PRO B 29 -7.49 37.45 16.94
CA PRO B 29 -8.31 36.23 16.88
C PRO B 29 -8.35 35.57 15.52
N LYS B 30 -8.24 36.34 14.43
CA LYS B 30 -8.31 35.75 13.09
C LYS B 30 -7.18 34.76 12.85
N TYR B 31 -6.05 34.92 13.55
CA TYR B 31 -4.95 33.98 13.45
C TYR B 31 -5.12 32.75 14.34
N ASN B 32 -6.20 32.68 15.11
CA ASN B 32 -6.52 31.47 15.86
C ASN B 32 -7.79 30.80 15.35
N SER B 33 -8.44 31.39 14.36
CA SER B 33 -9.56 30.74 13.69
C SER B 33 -9.05 29.50 12.97
N GLY B 34 -9.54 28.33 13.38
CA GLY B 34 -9.02 27.12 12.81
C GLY B 34 -7.75 26.59 13.46
N ALA B 35 -7.25 27.24 14.52
CA ALA B 35 -6.20 26.67 15.34
C ALA B 35 -6.82 25.85 16.47
N LEU B 36 -6.04 24.96 17.05
CA LEU B 36 -6.53 24.05 18.08
C LEU B 36 -5.71 24.18 19.36
N HIS B 37 -6.40 24.34 20.47
CA HIS B 37 -5.79 24.19 21.79
C HIS B 37 -5.98 22.75 22.25
N ILE B 38 -5.14 22.33 23.21
CA ILE B 38 -5.27 20.95 23.70
C ILE B 38 -6.66 20.72 24.26
N LYS B 39 -7.28 21.73 24.88
CA LYS B 39 -8.63 21.54 25.40
C LYS B 39 -9.63 21.28 24.27
N ASP B 40 -9.38 21.82 23.08
CA ASP B 40 -10.25 21.53 21.95
C ASP B 40 -10.11 20.09 21.52
N ILE B 41 -8.87 19.58 21.50
CA ILE B 41 -8.63 18.21 21.05
C ILE B 41 -9.33 17.21 21.96
N LEU B 42 -9.34 17.48 23.27
CA LEU B 42 -9.90 16.54 24.24
C LEU B 42 -11.36 16.79 24.54
N SER B 43 -11.98 17.76 23.87
CA SER B 43 -13.36 18.15 24.14
C SER B 43 -14.32 16.99 23.84
N PRO B 44 -15.47 16.93 24.53
N PRO B 44 -15.46 16.93 24.54
CA PRO B 44 -16.47 15.90 24.20
CA PRO B 44 -16.46 15.91 24.20
C PRO B 44 -16.99 16.02 22.78
C PRO B 44 -16.99 16.02 22.78
N LEU B 45 -16.80 17.17 22.12
CA LEU B 45 -17.20 17.29 20.73
C LEU B 45 -16.39 16.37 19.83
N PHE B 46 -15.17 16.01 20.25
CA PHE B 46 -14.33 15.12 19.47
C PHE B 46 -14.64 13.65 19.71
N GLY B 47 -15.38 13.31 20.76
CA GLY B 47 -15.72 11.94 21.08
C GLY B 47 -15.91 11.76 22.58
N THR B 48 -16.61 10.68 22.93
CA THR B 48 -16.86 10.36 24.35
C THR B 48 -15.72 9.48 24.85
N LEU B 49 -14.79 10.09 25.57
CA LEU B 49 -13.52 9.45 25.88
C LEU B 49 -13.68 8.28 26.85
N VAL B 50 -13.04 7.16 26.52
CA VAL B 50 -13.01 5.98 27.36
C VAL B 50 -11.63 5.79 27.99
N SER B 51 -10.58 6.08 27.25
N SER B 51 -10.57 6.09 27.25
CA SER B 51 -9.20 5.98 27.73
CA SER B 51 -9.19 5.88 27.66
C SER B 51 -8.32 6.69 26.73
C SER B 51 -8.29 6.63 26.69
N SER B 52 -7.09 7.00 27.16
CA SER B 52 -6.16 7.69 26.27
C SER B 52 -4.73 7.30 26.61
N ALA B 53 -3.87 7.48 25.61
CA ALA B 53 -2.42 7.34 25.75
C ALA B 53 -1.78 8.64 25.30
N GLN B 54 -0.85 9.15 26.10
CA GLN B 54 -0.12 10.37 25.77
C GLN B 54 1.36 10.01 25.65
N PHE B 55 1.85 9.94 24.42
CA PHE B 55 3.26 9.79 24.13
C PHE B 55 3.88 11.18 24.14
N ASN B 56 4.94 11.37 24.92
CA ASN B 56 5.57 12.68 24.87
C ASN B 56 6.98 12.61 25.46
N TYR B 57 7.61 13.78 25.50
CA TYR B 57 8.93 13.94 26.09
C TYR B 57 8.82 14.52 27.50
N CYS B 58 8.24 15.71 27.62
N CYS B 58 8.18 15.68 27.65
CA CYS B 58 8.02 16.38 28.89
CA CYS B 58 8.06 16.39 28.91
C CYS B 58 6.55 16.33 29.26
C CYS B 58 6.60 16.54 29.29
N PHE B 59 6.29 16.25 30.56
CA PHE B 59 4.93 16.22 31.08
C PHE B 59 4.82 17.11 32.31
N ASP B 60 3.77 17.91 32.38
CA ASP B 60 3.30 18.53 33.62
C ASP B 60 1.95 17.86 33.89
N VAL B 61 1.95 16.90 34.81
CA VAL B 61 0.78 16.03 34.96
C VAL B 61 -0.40 16.81 35.53
N ASP B 62 -0.17 17.69 36.50
CA ASP B 62 -1.27 18.48 37.03
C ASP B 62 -1.90 19.31 35.92
N TRP B 63 -1.08 19.95 35.09
CA TRP B 63 -1.61 20.72 33.96
C TRP B 63 -2.34 19.81 32.98
N LEU B 64 -1.75 18.67 32.65
CA LEU B 64 -2.32 17.78 31.66
C LEU B 64 -3.73 17.36 32.03
N VAL B 65 -3.92 16.92 33.28
CA VAL B 65 -5.24 16.43 33.69
C VAL B 65 -6.28 17.54 33.60
N LYS B 66 -5.87 18.78 33.92
CA LYS B 66 -6.78 19.91 33.80
C LYS B 66 -7.19 20.20 32.35
N GLN B 67 -6.45 19.69 31.36
CA GLN B 67 -6.83 19.93 29.98
C GLN B 67 -7.91 18.98 29.50
N TYR B 68 -8.11 17.85 30.18
CA TYR B 68 -9.22 16.95 29.92
C TYR B 68 -10.51 17.55 30.46
N PRO B 69 -11.62 17.39 29.76
CA PRO B 69 -12.92 17.83 30.31
C PRO B 69 -13.16 17.21 31.66
N PRO B 70 -13.81 17.94 32.58
CA PRO B 70 -14.01 17.38 33.94
C PRO B 70 -14.63 15.99 33.93
N GLU B 71 -15.61 15.74 33.05
CA GLU B 71 -16.25 14.44 32.99
C GLU B 71 -15.31 13.32 32.54
N PHE B 72 -14.18 13.66 31.93
CA PHE B 72 -13.24 12.65 31.42
C PHE B 72 -11.98 12.52 32.27
N ARG B 73 -11.86 13.28 33.36
CA ARG B 73 -10.58 13.39 34.05
C ARG B 73 -10.18 12.14 34.85
N LYS B 74 -11.09 11.21 35.09
CA LYS B 74 -10.73 9.99 35.78
C LYS B 74 -10.69 8.78 34.86
N LYS B 75 -10.84 8.97 33.55
CA LYS B 75 -10.62 7.88 32.61
C LYS B 75 -9.13 7.53 32.57
N PRO B 76 -8.81 6.26 32.32
CA PRO B 76 -7.40 5.84 32.33
C PRO B 76 -6.56 6.62 31.34
N ILE B 77 -5.38 7.04 31.80
CA ILE B 77 -4.39 7.71 30.96
C ILE B 77 -3.08 6.96 31.10
N LEU B 78 -2.46 6.63 29.97
CA LEU B 78 -1.14 6.04 29.90
C LEU B 78 -0.16 7.10 29.44
N LEU B 79 0.87 7.36 30.25
CA LEU B 79 1.94 8.28 29.88
C LEU B 79 3.11 7.46 29.34
N VAL B 80 3.45 7.66 28.06
CA VAL B 80 4.59 6.98 27.45
C VAL B 80 5.74 7.96 27.37
N HIS B 81 6.84 7.66 28.07
CA HIS B 81 7.94 8.60 28.26
C HIS B 81 9.26 7.85 28.15
N GLY B 82 10.38 8.61 28.18
CA GLY B 82 11.68 7.98 28.14
C GLY B 82 12.58 8.19 29.33
N ASP B 83 12.02 8.71 30.43
CA ASP B 83 12.82 9.14 31.58
C ASP B 83 13.44 7.96 32.32
N LYS B 84 14.61 8.21 32.91
CA LYS B 84 15.33 7.22 33.70
C LYS B 84 15.75 7.82 35.04
N ARG B 85 16.13 6.93 35.95
CA ARG B 85 16.82 7.27 37.21
C ARG B 85 15.99 8.33 37.96
N GLU B 86 16.59 9.46 38.37
CA GLU B 86 15.87 10.45 39.15
C GLU B 86 14.76 11.13 38.35
N ALA B 87 14.98 11.32 37.03
CA ALA B 87 13.93 11.88 36.20
C ALA B 87 12.69 10.99 36.18
N LYS B 88 12.90 9.68 36.10
CA LYS B 88 11.78 8.75 36.11
C LYS B 88 11.04 8.78 37.43
N ALA B 89 11.78 8.84 38.55
CA ALA B 89 11.13 8.92 39.86
C ALA B 89 10.28 10.18 39.98
N HIS B 90 10.76 11.30 39.42
CA HIS B 90 10.00 12.54 39.50
C HIS B 90 8.68 12.43 38.73
N LEU B 91 8.69 11.77 37.59
CA LEU B 91 7.46 11.65 36.80
C LEU B 91 6.43 10.79 37.53
N HIS B 92 6.87 9.69 38.14
CA HIS B 92 5.96 8.88 38.94
C HIS B 92 5.39 9.69 40.10
N ALA B 93 6.22 10.51 40.74
CA ALA B 93 5.74 11.38 41.81
C ALA B 93 4.67 12.35 41.31
N GLN B 94 4.84 12.86 40.09
CA GLN B 94 3.82 13.74 39.51
C GLN B 94 2.50 13.01 39.35
N ALA B 95 2.54 11.76 38.91
CA ALA B 95 1.33 11.02 38.57
C ALA B 95 0.67 10.36 39.77
N LYS B 96 1.39 10.19 40.88
CA LYS B 96 0.85 9.40 41.99
C LYS B 96 -0.49 9.89 42.52
N PRO B 97 -0.79 11.19 42.63
CA PRO B 97 -2.13 11.59 43.10
C PRO B 97 -3.28 11.13 42.22
N TYR B 98 -3.02 10.72 40.97
CA TYR B 98 -4.06 10.33 40.02
C TYR B 98 -3.98 8.82 39.81
N GLU B 99 -4.89 8.10 40.47
CA GLU B 99 -4.90 6.64 40.43
C GLU B 99 -5.26 6.08 39.06
N ASN B 100 -5.78 6.90 38.16
CA ASN B 100 -6.13 6.48 36.81
C ASN B 100 -4.95 6.58 35.85
N ILE B 101 -3.81 7.05 36.30
CA ILE B 101 -2.67 7.30 35.43
C ILE B 101 -1.67 6.17 35.57
N SER B 102 -1.38 5.51 34.46
CA SER B 102 -0.32 4.51 34.35
C SER B 102 0.83 5.07 33.52
N LEU B 103 2.01 4.48 33.69
CA LEU B 103 3.21 4.96 33.02
C LEU B 103 3.89 3.82 32.23
N CYS B 104 4.47 4.18 31.09
CA CYS B 104 5.26 3.29 30.23
C CYS B 104 6.61 3.92 29.94
N GLN B 105 7.69 3.32 30.44
CA GLN B 105 9.03 3.82 30.18
C GLN B 105 9.58 3.17 28.91
N ALA B 106 9.61 3.95 27.83
CA ALA B 106 10.18 3.47 26.57
C ALA B 106 11.66 3.16 26.74
N LYS B 107 12.07 1.99 26.26
CA LYS B 107 13.47 1.59 26.41
C LYS B 107 14.37 2.41 25.51
N LEU B 108 15.49 2.87 26.07
CA LEU B 108 16.47 3.69 25.36
C LEU B 108 17.82 3.01 25.54
N ASP B 109 18.06 1.98 24.74
CA ASP B 109 19.22 1.13 24.90
C ASP B 109 20.43 1.61 24.11
N ILE B 110 20.32 2.73 23.40
CA ILE B 110 21.44 3.37 22.75
C ILE B 110 21.70 4.69 23.47
N ALA B 111 22.96 4.95 23.79
CA ALA B 111 23.30 6.13 24.57
C ALA B 111 22.88 7.40 23.86
N PHE B 112 22.51 8.40 24.66
CA PHE B 112 22.15 9.74 24.18
C PHE B 112 20.88 9.74 23.35
N GLY B 113 20.05 8.71 23.49
CA GLY B 113 18.75 8.70 22.84
C GLY B 113 17.68 9.34 23.71
N THR B 114 16.57 9.70 23.08
CA THR B 114 15.48 10.37 23.75
C THR B 114 14.16 9.86 23.20
N HIS B 115 13.11 9.96 24.01
CA HIS B 115 11.76 9.65 23.55
C HIS B 115 11.10 10.97 23.19
N HIS B 116 11.12 11.33 21.90
CA HIS B 116 10.64 12.63 21.46
C HIS B 116 9.25 12.59 20.85
N THR B 117 8.75 11.41 20.50
CA THR B 117 7.45 11.27 19.87
C THR B 117 6.34 11.95 20.65
N LYS B 118 5.52 12.73 19.95
CA LYS B 118 4.35 13.40 20.52
C LYS B 118 3.12 12.84 19.83
N MET B 119 2.35 12.02 20.54
CA MET B 119 1.18 11.37 19.95
C MET B 119 0.13 11.16 21.02
N MET B 120 -1.13 11.33 20.64
CA MET B 120 -2.26 10.96 21.49
C MET B 120 -3.01 9.82 20.82
N LEU B 121 -3.29 8.78 21.59
CA LEU B 121 -4.26 7.76 21.19
C LEU B 121 -5.51 7.98 22.03
N LEU B 122 -6.63 8.24 21.37
CA LEU B 122 -7.86 8.63 22.05
C LEU B 122 -8.95 7.61 21.72
N LEU B 123 -9.33 6.80 22.70
CA LEU B 123 -10.34 5.77 22.51
C LEU B 123 -11.69 6.31 22.99
N TYR B 124 -12.70 6.26 22.12
CA TYR B 124 -14.02 6.77 22.43
C TYR B 124 -15.05 5.66 22.41
N GLU B 125 -16.24 5.98 22.91
CA GLU B 125 -17.39 5.10 22.72
C GLU B 125 -17.73 4.98 21.24
N GLU B 126 -17.41 6.00 20.45
CA GLU B 126 -17.77 6.07 19.03
C GLU B 126 -16.67 5.60 18.10
N GLY B 127 -15.48 5.31 18.62
CA GLY B 127 -14.39 4.93 17.74
C GLY B 127 -13.05 5.31 18.36
N LEU B 128 -12.08 5.58 17.48
CA LEU B 128 -10.70 5.83 17.88
C LEU B 128 -10.15 7.01 17.09
N ARG B 129 -9.33 7.84 17.73
CA ARG B 129 -8.63 8.91 17.05
C ARG B 129 -7.15 8.86 17.39
N VAL B 130 -6.33 9.20 16.40
CA VAL B 130 -4.88 9.31 16.57
C VAL B 130 -4.51 10.77 16.30
N VAL B 131 -3.71 11.36 17.19
CA VAL B 131 -3.21 12.73 17.02
C VAL B 131 -1.70 12.68 17.04
N ILE B 132 -1.06 13.15 15.97
CA ILE B 132 0.40 13.22 15.94
C ILE B 132 0.77 14.69 15.85
N HIS B 133 1.64 15.15 16.74
CA HIS B 133 1.80 16.59 16.91
C HIS B 133 3.22 16.89 17.37
N THR B 134 3.47 18.13 17.77
CA THR B 134 4.83 18.55 18.08
C THR B 134 5.00 19.15 19.47
N SER B 135 3.94 19.20 20.30
CA SER B 135 3.99 19.93 21.57
C SER B 135 4.25 19.01 22.75
N ASN B 136 5.12 19.48 23.66
CA ASN B 136 5.21 18.85 24.98
C ASN B 136 3.94 19.11 25.77
N LEU B 137 3.70 18.29 26.78
CA LEU B 137 2.49 18.42 27.59
C LEU B 137 2.77 19.32 28.81
N ILE B 138 3.14 20.57 28.48
CA ILE B 138 3.36 21.63 29.46
C ILE B 138 2.71 22.90 28.95
N HIS B 139 2.34 23.80 29.88
CA HIS B 139 1.62 25.01 29.50
C HIS B 139 2.36 25.80 28.44
N ALA B 140 3.67 25.99 28.62
CA ALA B 140 4.42 26.87 27.73
C ALA B 140 4.41 26.39 26.28
N ASP B 141 4.35 25.08 26.04
CA ASP B 141 4.41 24.62 24.66
C ASP B 141 3.13 24.91 23.89
N TRP B 142 2.03 25.22 24.58
CA TRP B 142 0.76 25.49 23.90
C TRP B 142 0.36 26.94 24.03
N HIS B 143 1.25 27.81 24.52
CA HIS B 143 0.89 29.18 24.84
C HIS B 143 1.25 30.13 23.70
N GLN B 144 2.54 30.34 23.45
CA GLN B 144 2.95 31.33 22.46
C GLN B 144 3.93 30.76 21.44
N LYS B 145 3.85 29.46 21.14
CA LYS B 145 4.73 28.85 20.15
C LYS B 145 3.95 28.47 18.90
N THR B 146 4.67 28.36 17.79
CA THR B 146 4.15 27.71 16.59
C THR B 146 4.36 26.22 16.71
N GLN B 147 3.25 25.46 16.77
CA GLN B 147 3.27 24.00 16.88
C GLN B 147 2.33 23.43 15.84
N GLY B 148 2.56 22.18 15.45
CA GLY B 148 1.76 21.54 14.42
C GLY B 148 1.04 20.31 14.95
N ILE B 149 -0.14 20.04 14.37
CA ILE B 149 -1.04 18.96 14.79
C ILE B 149 -1.58 18.29 13.55
N TRP B 150 -1.54 16.96 13.50
CA TRP B 150 -2.31 16.20 12.53
C TRP B 150 -3.39 15.44 13.28
N LEU B 151 -4.65 15.62 12.86
CA LEU B 151 -5.80 14.96 13.46
C LEU B 151 -6.28 13.87 12.52
N SER B 152 -6.29 12.62 13.00
CA SER B 152 -6.85 11.54 12.21
C SER B 152 -8.37 11.69 12.11
N PRO B 153 -9.01 11.00 11.16
CA PRO B 153 -10.48 10.91 11.21
C PRO B 153 -10.91 10.14 12.45
N LEU B 154 -12.20 10.23 12.77
CA LEU B 154 -12.77 9.29 13.74
C LEU B 154 -12.81 7.91 13.11
N TYR B 155 -12.02 6.99 13.63
CA TYR B 155 -11.97 5.63 13.08
C TYR B 155 -13.06 4.79 13.72
N PRO B 156 -13.99 4.21 12.96
CA PRO B 156 -15.03 3.37 13.58
C PRO B 156 -14.49 1.99 13.92
N ARG B 157 -15.19 1.33 14.86
CA ARG B 157 -14.89 -0.05 15.17
C ARG B 157 -15.30 -0.95 14.02
N ILE B 158 -14.53 -2.00 13.80
CA ILE B 158 -14.96 -3.07 12.88
C ILE B 158 -15.97 -3.95 13.61
N ALA B 159 -17.05 -4.29 12.91
CA ALA B 159 -18.09 -5.11 13.50
C ALA B 159 -17.53 -6.44 13.99
N ASP B 160 -18.02 -6.91 15.13
CA ASP B 160 -17.59 -8.21 15.63
C ASP B 160 -18.12 -9.32 14.72
N GLY B 161 -17.33 -10.38 14.58
CA GLY B 161 -17.56 -11.37 13.56
C GLY B 161 -17.15 -10.97 12.17
N THR B 162 -17.02 -9.67 11.91
CA THR B 162 -16.55 -9.20 10.61
C THR B 162 -15.04 -9.28 10.53
N HIS B 163 -14.53 -9.93 9.48
CA HIS B 163 -13.10 -9.99 9.20
C HIS B 163 -12.79 -9.03 8.05
N LYS B 164 -12.16 -7.90 8.37
CA LYS B 164 -11.62 -7.02 7.35
C LYS B 164 -10.35 -6.39 7.89
N SER B 165 -9.52 -5.87 6.99
CA SER B 165 -8.24 -5.37 7.45
C SER B 165 -8.35 -4.03 8.17
N GLY B 166 -9.27 -3.18 7.73
CA GLY B 166 -9.29 -1.80 8.20
C GLY B 166 -8.09 -0.99 7.78
N GLU B 167 -7.39 -1.40 6.73
CA GLU B 167 -6.13 -0.78 6.31
C GLU B 167 -6.38 0.31 5.27
N SER B 168 -5.52 1.35 5.30
N SER B 168 -5.52 1.34 5.29
CA SER B 168 -5.60 2.44 4.34
CA SER B 168 -5.57 2.47 4.37
C SER B 168 -4.66 2.22 3.16
C SER B 168 -4.66 2.23 3.17
N PRO B 169 -4.85 2.95 2.06
CA PRO B 169 -3.91 2.83 0.94
C PRO B 169 -2.50 3.28 1.29
N THR B 170 -2.33 4.02 2.40
CA THR B 170 -1.00 4.41 2.87
C THR B 170 -0.39 3.42 3.87
N HIS B 171 -1.06 2.31 4.16
N HIS B 171 -1.09 2.32 4.16
CA HIS B 171 -0.59 1.29 5.09
CA HIS B 171 -0.61 1.29 5.09
C HIS B 171 -0.47 1.81 6.52
C HIS B 171 -0.44 1.84 6.51
N PHE B 172 -1.19 2.89 6.84
CA PHE B 172 -1.03 3.55 8.14
C PHE B 172 -1.33 2.63 9.31
N LYS B 173 -2.33 1.75 9.20
CA LYS B 173 -2.69 0.92 10.34
C LYS B 173 -1.57 -0.04 10.70
N ALA B 174 -1.08 -0.82 9.73
CA ALA B 174 0.04 -1.70 9.98
C ALA B 174 1.28 -0.92 10.39
N ASP B 175 1.51 0.25 9.80
CA ASP B 175 2.72 1.00 10.12
C ASP B 175 2.67 1.55 11.54
N LEU B 176 1.49 2.01 11.99
CA LEU B 176 1.37 2.46 13.38
C LEU B 176 1.54 1.30 14.35
N ILE B 177 0.97 0.13 14.03
CA ILE B 177 1.18 -1.04 14.89
C ILE B 177 2.67 -1.39 14.93
N SER B 178 3.34 -1.35 13.77
N SER B 178 3.35 -1.34 13.78
CA SER B 178 4.78 -1.62 13.72
CA SER B 178 4.78 -1.64 13.76
C SER B 178 5.55 -0.66 14.64
C SER B 178 5.57 -0.66 14.62
N TYR B 179 5.19 0.62 14.60
CA TYR B 179 5.86 1.60 15.44
C TYR B 179 5.68 1.24 16.92
N LEU B 180 4.46 0.90 17.31
CA LEU B 180 4.22 0.54 18.71
C LEU B 180 4.91 -0.76 19.10
N MET B 181 5.02 -1.71 18.16
N MET B 181 5.01 -1.71 18.15
CA MET B 181 5.67 -2.98 18.47
CA MET B 181 5.66 -2.98 18.45
C MET B 181 7.13 -2.80 18.82
C MET B 181 7.12 -2.78 18.84
N ALA B 182 7.77 -1.76 18.30
CA ALA B 182 9.18 -1.52 18.59
C ALA B 182 9.44 -1.26 20.07
N TYR B 183 8.42 -0.78 20.80
CA TYR B 183 8.58 -0.55 22.24
C TYR B 183 8.71 -1.84 23.03
N ASN B 184 8.10 -2.93 22.54
CA ASN B 184 8.08 -4.20 23.26
C ASN B 184 7.49 -4.03 24.67
N ALA B 185 6.37 -3.31 24.75
CA ALA B 185 5.82 -2.90 26.03
C ALA B 185 4.43 -3.47 26.23
N PRO B 186 4.13 -4.07 27.39
CA PRO B 186 2.80 -4.67 27.57
C PRO B 186 1.66 -3.67 27.54
N SER B 187 1.84 -2.46 28.07
CA SER B 187 0.77 -1.47 28.00
C SER B 187 0.49 -1.06 26.55
N LEU B 188 1.49 -1.13 25.68
CA LEU B 188 1.29 -0.76 24.28
C LEU B 188 0.75 -1.90 23.45
N LYS B 189 0.98 -3.15 23.87
CA LYS B 189 0.29 -4.26 23.21
C LYS B 189 -1.22 -4.12 23.36
N GLU B 190 -1.67 -3.60 24.51
CA GLU B 190 -3.10 -3.35 24.70
C GLU B 190 -3.62 -2.34 23.67
N TRP B 191 -2.83 -1.30 23.40
CA TRP B 191 -3.26 -0.31 22.42
C TRP B 191 -3.17 -0.85 21.00
N ILE B 192 -2.22 -1.75 20.73
CA ILE B 192 -2.18 -2.42 19.43
C ILE B 192 -3.47 -3.18 19.20
N ASP B 193 -3.94 -3.91 20.23
CA ASP B 193 -5.16 -4.69 20.08
C ASP B 193 -6.36 -3.79 19.86
N VAL B 194 -6.37 -2.62 20.51
CA VAL B 194 -7.39 -1.61 20.24
C VAL B 194 -7.36 -1.19 18.79
N ILE B 195 -6.17 -0.83 18.28
CA ILE B 195 -6.04 -0.40 16.90
C ILE B 195 -6.52 -1.50 15.95
N HIS B 196 -6.16 -2.74 16.23
CA HIS B 196 -6.60 -3.87 15.40
C HIS B 196 -8.11 -3.88 15.22
N LYS B 197 -8.85 -3.48 16.26
CA LYS B 197 -10.31 -3.55 16.25
C LYS B 197 -10.97 -2.40 15.49
N HIS B 198 -10.21 -1.45 14.97
CA HIS B 198 -10.78 -0.28 14.32
C HIS B 198 -10.42 -0.22 12.84
N ASP B 199 -11.22 0.56 12.10
CA ASP B 199 -11.11 0.72 10.67
C ASP B 199 -10.39 2.03 10.40
N LEU B 200 -9.11 1.95 9.99
CA LEU B 200 -8.30 3.13 9.71
C LEU B 200 -8.17 3.39 8.21
N SER B 201 -9.06 2.84 7.40
CA SER B 201 -8.88 2.89 5.95
C SER B 201 -8.97 4.28 5.35
N GLU B 202 -9.59 5.25 6.03
N GLU B 202 -9.59 5.24 6.04
CA GLU B 202 -9.70 6.61 5.51
CA GLU B 202 -9.70 6.61 5.54
C GLU B 202 -8.43 7.43 5.71
C GLU B 202 -8.37 7.36 5.55
N THR B 203 -7.37 6.86 6.26
CA THR B 203 -6.14 7.62 6.52
C THR B 203 -5.40 7.88 5.22
N ASN B 204 -5.07 9.16 4.97
N ASN B 204 -5.06 9.15 4.97
CA ASN B 204 -4.42 9.57 3.72
CA ASN B 204 -4.40 9.52 3.72
C ASN B 204 -3.00 10.08 3.93
C ASN B 204 -2.98 10.05 3.92
N VAL B 205 -2.43 9.92 5.13
CA VAL B 205 -1.03 10.25 5.39
C VAL B 205 -0.22 8.98 5.56
N TYR B 206 1.09 9.09 5.31
CA TYR B 206 2.05 8.03 5.60
C TYR B 206 2.75 8.31 6.93
N LEU B 207 2.92 7.26 7.74
CA LEU B 207 3.63 7.39 9.00
C LEU B 207 5.14 7.36 8.76
N ILE B 208 5.88 8.27 9.40
CA ILE B 208 7.35 8.22 9.35
C ILE B 208 7.85 8.25 10.78
N GLY B 209 8.32 7.11 11.25
CA GLY B 209 8.84 7.02 12.60
C GLY B 209 10.32 6.74 12.69
N SER B 210 10.88 7.07 13.85
CA SER B 210 12.20 6.62 14.26
C SER B 210 12.06 5.85 15.56
N THR B 211 12.86 4.80 15.71
N THR B 211 12.80 4.76 15.68
CA THR B 211 12.95 4.03 16.92
CA THR B 211 12.94 4.04 16.94
C THR B 211 14.42 3.63 17.12
C THR B 211 14.42 3.70 17.12
N PRO B 212 14.87 3.54 18.37
CA PRO B 212 16.30 3.23 18.57
C PRO B 212 16.68 1.86 18.07
N GLY B 213 17.83 1.78 17.40
CA GLY B 213 18.35 0.50 16.97
C GLY B 213 19.43 0.65 15.94
N ARG B 214 19.96 -0.51 15.53
N ARG B 214 19.95 -0.51 15.52
CA ARG B 214 20.95 -0.63 14.47
CA ARG B 214 20.95 -0.61 14.45
C ARG B 214 20.33 -1.54 13.41
C ARG B 214 20.36 -1.54 13.40
N PHE B 215 19.75 -0.96 12.38
CA PHE B 215 18.95 -1.69 11.41
C PHE B 215 19.77 -2.04 10.18
N GLN B 216 19.66 -3.30 9.74
CA GLN B 216 20.38 -3.82 8.59
C GLN B 216 19.40 -4.34 7.56
N GLY B 217 19.88 -4.47 6.33
CA GLY B 217 19.07 -4.99 5.26
C GLY B 217 17.84 -4.15 5.02
N SER B 218 16.74 -4.82 4.68
CA SER B 218 15.49 -4.13 4.40
C SER B 218 14.94 -3.41 5.62
N GLN B 219 15.33 -3.83 6.82
CA GLN B 219 14.87 -3.14 8.03
C GLN B 219 15.34 -1.69 8.06
N LYS B 220 16.41 -1.36 7.34
CA LYS B 220 16.82 0.05 7.22
C LYS B 220 15.69 0.91 6.71
N ASP B 221 14.89 0.39 5.79
CA ASP B 221 13.82 1.16 5.17
C ASP B 221 12.65 1.43 6.10
N ASN B 222 12.64 0.86 7.31
CA ASN B 222 11.50 1.03 8.20
C ASN B 222 11.48 2.38 8.91
N TRP B 223 12.62 3.05 9.05
CA TRP B 223 12.71 4.14 10.02
C TRP B 223 13.55 5.29 9.46
N GLY B 224 13.32 6.48 10.05
CA GLY B 224 14.20 7.61 9.85
C GLY B 224 14.26 8.05 8.41
N HIS B 225 15.45 8.52 8.00
CA HIS B 225 15.52 9.11 6.68
C HIS B 225 15.49 8.05 5.58
N PHE B 226 15.84 6.80 5.87
CA PHE B 226 15.64 5.75 4.88
C PHE B 226 14.15 5.44 4.68
N ARG B 227 13.34 5.59 5.72
CA ARG B 227 11.89 5.45 5.57
C ARG B 227 11.33 6.53 4.66
N LEU B 228 11.75 7.78 4.88
CA LEU B 228 11.36 8.86 3.98
C LEU B 228 11.81 8.57 2.55
N LYS B 229 13.06 8.14 2.37
CA LYS B 229 13.55 7.86 1.02
C LYS B 229 12.71 6.78 0.34
N LYS B 230 12.34 5.72 1.06
CA LYS B 230 11.56 4.66 0.44
C LYS B 230 10.17 5.14 0.05
N LEU B 231 9.54 5.97 0.90
CA LEU B 231 8.22 6.49 0.57
C LEU B 231 8.27 7.39 -0.66
N LEU B 232 9.30 8.23 -0.75
CA LEU B 232 9.44 9.13 -1.89
C LEU B 232 9.73 8.36 -3.17
N LYS B 233 10.52 7.30 -3.08
CA LYS B 233 10.80 6.47 -4.24
C LYS B 233 9.53 5.78 -4.72
N ASP B 234 8.74 5.22 -3.79
CA ASP B 234 7.62 4.39 -4.16
C ASP B 234 6.35 5.15 -4.49
N HIS B 235 6.17 6.36 -3.95
CA HIS B 235 4.87 7.03 -4.01
C HIS B 235 4.93 8.48 -4.48
N ALA B 236 6.11 8.96 -4.88
CA ALA B 236 6.25 10.24 -5.55
C ALA B 236 6.84 10.00 -6.94
N SER B 237 6.71 10.99 -7.81
CA SER B 237 7.32 10.90 -9.13
C SER B 237 8.24 12.09 -9.33
N SER B 238 9.25 11.91 -10.20
CA SER B 238 10.21 12.96 -10.46
C SER B 238 9.78 13.77 -11.67
N MET B 239 9.68 15.08 -11.49
CA MET B 239 9.25 16.03 -12.51
C MET B 239 10.45 16.51 -13.32
N PRO B 240 10.20 17.12 -14.48
CA PRO B 240 11.30 17.78 -15.19
C PRO B 240 11.95 18.83 -14.32
N ASN B 241 13.27 18.96 -14.44
CA ASN B 241 14.04 19.96 -13.72
C ASN B 241 13.85 19.82 -12.21
N ALA B 242 13.81 18.56 -11.74
CA ALA B 242 13.72 18.31 -10.30
C ALA B 242 14.91 18.88 -9.56
N GLU B 243 16.07 18.99 -10.24
CA GLU B 243 17.25 19.64 -9.67
C GLU B 243 16.94 21.03 -9.14
N SER B 244 15.94 21.70 -9.71
CA SER B 244 15.61 23.06 -9.35
C SER B 244 14.60 23.17 -8.22
N TRP B 245 13.99 22.04 -7.80
CA TRP B 245 13.06 22.07 -6.67
C TRP B 245 13.84 22.01 -5.38
N PRO B 246 13.84 23.07 -4.57
CA PRO B 246 14.61 23.07 -3.32
C PRO B 246 14.06 22.09 -2.30
N VAL B 247 14.88 21.81 -1.29
CA VAL B 247 14.46 21.13 -0.07
C VAL B 247 14.46 22.16 1.05
N VAL B 248 13.42 22.15 1.86
CA VAL B 248 13.32 23.02 3.03
C VAL B 248 13.24 22.15 4.28
N GLY B 249 14.12 22.42 5.24
CA GLY B 249 14.04 21.81 6.55
C GLY B 249 13.89 22.90 7.60
N GLN B 250 13.00 22.67 8.56
CA GLN B 250 12.61 23.69 9.52
C GLN B 250 12.49 23.01 10.89
N PHE B 251 13.24 23.50 11.88
CA PHE B 251 13.46 22.72 13.10
C PHE B 251 13.71 23.65 14.28
N SER B 252 13.74 23.06 15.47
CA SER B 252 13.96 23.83 16.70
C SER B 252 15.26 23.46 17.40
N SER B 253 16.04 22.53 16.84
CA SER B 253 17.30 22.13 17.43
C SER B 253 18.17 21.49 16.35
N VAL B 254 19.48 21.52 16.58
CA VAL B 254 20.47 21.02 15.63
C VAL B 254 21.44 20.13 16.38
N GLY B 255 21.69 18.93 15.83
CA GLY B 255 22.71 18.05 16.37
C GLY B 255 24.09 18.36 15.82
N SER B 256 25.07 17.57 16.26
CA SER B 256 26.42 17.67 15.72
C SER B 256 26.45 16.93 14.38
N LEU B 257 26.59 17.69 13.27
CA LEU B 257 26.46 17.12 11.94
C LEU B 257 27.79 16.71 11.32
N GLY B 258 28.92 17.09 11.91
CA GLY B 258 30.21 16.76 11.37
C GLY B 258 30.98 18.01 10.96
N ALA B 259 32.22 17.77 10.52
CA ALA B 259 33.15 18.85 10.23
C ALA B 259 32.86 19.57 8.92
N ASP B 260 32.05 18.99 8.04
CA ASP B 260 31.61 19.66 6.83
C ASP B 260 30.34 18.99 6.34
N GLU B 261 29.74 19.59 5.31
CA GLU B 261 28.43 19.12 4.84
C GLU B 261 28.49 17.71 4.26
N SER B 262 29.66 17.26 3.81
CA SER B 262 29.77 15.95 3.18
C SER B 262 29.72 14.80 4.18
N LYS B 263 29.82 15.08 5.48
CA LYS B 263 29.87 13.99 6.45
C LYS B 263 28.50 13.35 6.67
N TRP B 264 27.42 14.11 6.56
CA TRP B 264 26.08 13.56 6.77
C TRP B 264 25.01 14.40 6.11
N LEU B 265 25.09 15.72 6.26
CA LEU B 265 23.98 16.59 5.86
C LEU B 265 23.69 16.49 4.37
N CYS B 266 24.69 16.76 3.53
CA CYS B 266 24.44 16.75 2.10
C CYS B 266 24.71 15.39 1.45
N SER B 267 25.40 14.49 2.14
CA SER B 267 25.70 13.19 1.54
C SER B 267 24.53 12.23 1.71
N GLU B 268 24.12 11.94 2.94
CA GLU B 268 23.08 10.94 3.15
C GLU B 268 21.72 11.52 3.54
N PHE B 269 21.68 12.60 4.32
CA PHE B 269 20.40 13.19 4.69
C PHE B 269 19.74 13.87 3.50
N LYS B 270 20.45 14.81 2.87
CA LYS B 270 19.88 15.49 1.71
C LYS B 270 19.59 14.52 0.58
N GLU B 271 20.42 13.49 0.41
CA GLU B 271 20.18 12.51 -0.64
C GLU B 271 18.82 11.83 -0.46
N SER B 272 18.47 11.45 0.77
CA SER B 272 17.16 10.88 1.01
C SER B 272 16.06 11.90 0.72
N MET B 273 16.27 13.15 1.13
N MET B 273 16.28 13.15 1.14
CA MET B 273 15.24 14.18 0.94
CA MET B 273 15.25 14.18 1.01
C MET B 273 15.06 14.56 -0.52
C MET B 273 15.00 14.60 -0.43
N LEU B 274 16.10 14.39 -1.34
N LEU B 274 15.98 14.43 -1.32
CA LEU B 274 16.00 14.70 -2.77
CA LEU B 274 15.82 14.78 -2.72
C LEU B 274 15.24 13.65 -3.54
C LEU B 274 15.30 13.62 -3.57
N THR B 275 15.01 12.48 -2.96
CA THR B 275 14.49 11.35 -3.72
C THR B 275 13.09 11.65 -4.23
N LEU B 276 12.88 11.31 -5.51
CA LEU B 276 11.55 11.34 -6.12
C LEU B 276 11.49 10.23 -7.16
N GLY B 277 10.58 9.29 -6.98
CA GLY B 277 10.41 8.25 -7.97
C GLY B 277 11.49 7.17 -7.89
N LYS B 278 11.41 6.23 -8.84
CA LYS B 278 12.17 5.00 -8.75
C LYS B 278 13.33 4.93 -9.74
N GLU B 279 13.68 6.03 -10.39
CA GLU B 279 14.85 6.02 -11.26
C GLU B 279 16.02 6.68 -10.57
N SER B 280 17.21 6.49 -11.15
CA SER B 280 18.45 6.98 -10.58
C SER B 280 18.61 8.49 -10.71
N SER B 286 25.28 17.06 -6.20
CA SER B 286 23.90 17.53 -6.37
C SER B 286 23.81 19.04 -6.31
N SER B 287 22.92 19.61 -7.13
CA SER B 287 22.75 21.05 -7.23
C SER B 287 21.47 21.55 -6.55
N VAL B 288 20.74 20.68 -5.87
CA VAL B 288 19.45 21.08 -5.30
C VAL B 288 19.70 22.08 -4.16
N PRO B 289 19.04 23.24 -4.17
CA PRO B 289 19.22 24.19 -3.07
C PRO B 289 18.60 23.67 -1.79
N LEU B 290 19.30 23.88 -0.67
CA LEU B 290 18.84 23.43 0.63
C LEU B 290 18.64 24.66 1.52
N TYR B 291 17.40 24.85 1.98
CA TYR B 291 17.03 25.95 2.87
C TYR B 291 16.79 25.38 4.26
N LEU B 292 17.53 25.87 5.24
CA LEU B 292 17.31 25.48 6.63
C LEU B 292 16.75 26.67 7.38
N ILE B 293 15.62 26.48 8.06
CA ILE B 293 14.93 27.55 8.77
C ILE B 293 15.09 27.33 10.26
N TYR B 294 15.73 28.28 10.92
CA TYR B 294 16.01 28.17 12.33
C TYR B 294 16.07 29.59 12.90
N PRO B 295 15.44 29.84 14.06
CA PRO B 295 15.38 31.23 14.58
C PRO B 295 16.75 31.83 14.84
N SER B 296 16.92 33.05 14.36
CA SER B 296 18.05 33.89 14.72
C SER B 296 17.88 34.41 16.14
N VAL B 297 18.99 34.92 16.69
CA VAL B 297 18.93 35.60 17.99
C VAL B 297 17.87 36.70 17.96
N GLU B 298 17.85 37.49 16.88
N GLU B 298 17.87 37.49 16.89
CA GLU B 298 16.89 38.58 16.79
CA GLU B 298 16.89 38.58 16.80
C GLU B 298 15.45 38.07 16.75
C GLU B 298 15.46 38.06 16.78
N ASN B 299 15.22 36.96 16.06
CA ASN B 299 13.88 36.35 16.04
C ASN B 299 13.42 36.04 17.46
N VAL B 300 14.31 35.47 18.27
CA VAL B 300 13.96 35.08 19.64
C VAL B 300 13.79 36.32 20.50
N ARG B 301 14.72 37.28 20.39
CA ARG B 301 14.71 38.45 21.25
C ARG B 301 13.40 39.23 21.15
N THR B 302 12.85 39.35 19.95
CA THR B 302 11.64 40.16 19.77
C THR B 302 10.38 39.30 19.68
N SER B 303 10.45 38.04 20.10
CA SER B 303 9.30 37.14 20.03
C SER B 303 8.29 37.47 21.14
N LEU B 304 7.11 36.83 21.06
CA LEU B 304 6.10 37.00 22.10
C LEU B 304 6.66 36.65 23.47
N GLU B 305 7.47 35.60 23.54
CA GLU B 305 8.02 35.15 24.81
C GLU B 305 9.30 35.87 25.20
N GLY B 306 10.00 36.46 24.23
CA GLY B 306 11.32 36.98 24.47
C GLY B 306 12.35 35.86 24.56
N TYR B 307 13.48 36.17 25.21
CA TYR B 307 14.56 35.21 25.35
C TYR B 307 14.12 33.86 25.90
N PRO B 308 13.15 33.78 26.82
CA PRO B 308 12.72 32.46 27.30
C PRO B 308 12.22 31.52 26.21
N ALA B 309 11.81 32.03 25.05
CA ALA B 309 11.51 31.11 23.94
C ALA B 309 12.72 30.27 23.59
N GLY B 310 13.93 30.82 23.78
CA GLY B 310 15.15 30.10 23.48
C GLY B 310 15.44 28.97 24.43
N GLY B 311 14.72 28.88 25.55
CA GLY B 311 14.83 27.70 26.39
C GLY B 311 14.37 26.44 25.70
N SER B 312 13.58 26.58 24.63
CA SER B 312 13.06 25.46 23.86
C SER B 312 13.69 25.38 22.47
N LEU B 313 14.83 26.04 22.30
CA LEU B 313 15.61 26.01 21.06
C LEU B 313 17.03 25.58 21.43
N PRO B 314 17.21 24.29 21.75
CA PRO B 314 18.45 23.87 22.48
C PRO B 314 19.64 23.55 21.59
N TYR B 315 20.14 24.59 20.91
CA TYR B 315 21.39 24.54 20.14
C TYR B 315 22.51 25.06 21.03
N SER B 316 23.49 24.21 21.33
CA SER B 316 24.53 24.54 22.28
C SER B 316 25.78 25.07 21.59
N ILE B 317 26.49 25.97 22.28
CA ILE B 317 27.64 26.63 21.66
C ILE B 317 28.73 25.60 21.32
N GLN B 318 28.87 24.55 22.14
CA GLN B 318 29.92 23.57 21.90
C GLN B 318 29.65 22.78 20.61
N THR B 319 28.38 22.54 20.30
CA THR B 319 28.05 21.92 19.02
C THR B 319 28.19 22.92 17.88
N ALA B 320 27.71 24.15 18.07
CA ALA B 320 27.70 25.14 17.00
C ALA B 320 29.11 25.51 16.56
N GLU B 321 30.02 25.72 17.52
CA GLU B 321 31.37 26.14 17.18
C GLU B 321 32.13 25.08 16.38
N LYS B 322 31.65 23.84 16.35
CA LYS B 322 32.24 22.77 15.55
C LYS B 322 31.78 22.77 14.11
N GLN B 323 30.74 23.51 13.77
CA GLN B 323 30.09 23.37 12.47
C GLN B 323 29.60 24.72 11.97
N ASN B 324 30.48 25.73 12.02
CA ASN B 324 30.09 27.06 11.52
C ASN B 324 29.73 27.03 10.04
N TRP B 325 30.29 26.07 9.28
CA TRP B 325 29.90 25.91 7.89
C TRP B 325 28.38 25.79 7.71
N LEU B 326 27.70 25.25 8.72
CA LEU B 326 26.27 24.97 8.58
C LEU B 326 25.45 26.25 8.51
N HIS B 327 25.88 27.30 9.19
CA HIS B 327 25.03 28.46 9.39
C HIS B 327 24.85 29.29 8.12
N SER B 328 25.65 29.05 7.08
N SER B 328 25.66 29.07 7.08
CA SER B 328 25.40 29.70 5.79
CA SER B 328 25.41 29.68 5.79
C SER B 328 24.18 29.13 5.09
C SER B 328 24.17 29.14 5.11
N TYR B 329 23.59 28.05 5.60
CA TYR B 329 22.33 27.52 5.10
C TYR B 329 21.12 28.09 5.84
N PHE B 330 21.34 28.89 6.89
CA PHE B 330 20.28 29.21 7.82
C PHE B 330 19.46 30.41 7.34
N HIS B 331 18.15 30.29 7.47
CA HIS B 331 17.17 31.32 7.10
C HIS B 331 16.30 31.65 8.30
N LYS B 332 15.89 32.92 8.40
CA LYS B 332 15.11 33.41 9.52
C LYS B 332 13.76 32.70 9.62
N TRP B 333 13.20 32.70 10.82
CA TRP B 333 11.80 32.34 11.00
C TRP B 333 10.91 33.54 10.63
N SER B 334 9.96 33.30 9.72
CA SER B 334 9.02 34.33 9.33
C SER B 334 7.71 33.62 8.99
N ALA B 335 6.61 34.07 9.58
CA ALA B 335 5.32 33.39 9.40
C ALA B 335 4.19 34.40 9.36
N GLU B 336 4.38 35.45 8.55
CA GLU B 336 3.31 36.41 8.34
C GLU B 336 2.04 35.72 7.85
N THR B 337 2.20 34.66 7.04
CA THR B 337 1.05 33.97 6.48
C THR B 337 0.09 33.46 7.55
N SER B 338 0.61 33.09 8.72
CA SER B 338 -0.21 32.59 9.82
C SER B 338 -0.18 33.52 11.04
N GLY B 339 0.33 34.74 10.87
CA GLY B 339 0.41 35.70 11.96
C GLY B 339 1.35 35.28 13.07
N ARG B 340 2.33 34.44 12.75
CA ARG B 340 3.12 33.77 13.80
C ARG B 340 4.62 34.06 13.71
N SER B 341 5.01 35.19 13.09
CA SER B 341 6.43 35.54 13.05
C SER B 341 7.02 35.68 14.44
N ASN B 342 6.22 36.07 15.43
CA ASN B 342 6.71 36.25 16.80
C ASN B 342 6.39 35.06 17.69
N ALA B 343 5.81 34.00 17.15
CA ALA B 343 5.54 32.78 17.91
C ALA B 343 6.63 31.78 17.53
N MET B 344 7.64 31.64 18.39
CA MET B 344 8.80 30.87 17.99
C MET B 344 8.42 29.42 17.68
N PRO B 345 9.08 28.81 16.69
CA PRO B 345 8.68 27.47 16.24
C PRO B 345 9.18 26.38 17.18
N HIS B 346 8.26 25.52 17.58
CA HIS B 346 8.60 24.21 18.12
C HIS B 346 8.10 23.11 17.20
N ILE B 347 7.32 23.46 16.17
CA ILE B 347 7.03 22.56 15.07
C ILE B 347 8.33 22.21 14.33
N LYS B 348 8.36 21.02 13.73
CA LYS B 348 9.41 20.69 12.77
C LYS B 348 8.73 20.25 11.48
N THR B 349 9.20 20.78 10.34
CA THR B 349 8.62 20.45 9.05
C THR B 349 9.73 20.32 8.02
N TYR B 350 9.48 19.49 7.01
CA TYR B 350 10.37 19.30 5.87
C TYR B 350 9.48 19.23 4.63
N MET B 351 9.93 19.84 3.53
CA MET B 351 9.09 19.86 2.34
C MET B 351 9.93 20.13 1.10
N ARG B 352 9.29 19.97 -0.06
CA ARG B 352 9.97 20.03 -1.35
C ARG B 352 9.21 20.99 -2.26
N PRO B 353 9.45 22.28 -2.13
CA PRO B 353 8.74 23.25 -2.98
C PRO B 353 9.29 23.30 -4.40
N SER B 354 8.47 23.88 -5.29
CA SER B 354 8.88 24.16 -6.66
C SER B 354 9.84 25.35 -6.69
N PRO B 355 10.53 25.57 -7.81
CA PRO B 355 11.52 26.67 -7.85
C PRO B 355 10.96 28.04 -7.48
N ASP B 356 9.68 28.29 -7.76
CA ASP B 356 9.06 29.57 -7.40
C ASP B 356 8.21 29.47 -6.14
N PHE B 357 8.30 28.34 -5.42
CA PHE B 357 7.65 28.13 -4.14
C PHE B 357 6.12 28.21 -4.21
N SER B 358 5.55 28.01 -5.38
CA SER B 358 4.10 28.06 -5.52
C SER B 358 3.45 26.70 -5.38
N LYS B 359 4.22 25.62 -5.45
CA LYS B 359 3.73 24.26 -5.30
C LYS B 359 4.70 23.51 -4.39
N ILE B 360 4.26 22.38 -3.86
CA ILE B 360 5.15 21.49 -3.12
C ILE B 360 4.92 20.05 -3.57
N ALA B 361 6.00 19.27 -3.60
CA ALA B 361 5.91 17.86 -3.98
C ALA B 361 5.56 16.96 -2.80
N TRP B 362 5.77 17.43 -1.57
CA TRP B 362 5.38 16.70 -0.37
C TRP B 362 5.61 17.61 0.82
N PHE B 363 5.05 17.22 1.95
CA PHE B 363 5.18 17.97 3.19
C PHE B 363 5.19 16.98 4.35
N LEU B 364 6.12 17.16 5.29
CA LEU B 364 6.23 16.33 6.48
C LEU B 364 6.17 17.21 7.71
N VAL B 365 5.33 16.83 8.68
CA VAL B 365 5.36 17.42 10.02
C VAL B 365 5.77 16.32 10.98
N THR B 366 6.69 16.65 11.90
CA THR B 366 7.33 15.59 12.69
C THR B 366 7.90 16.19 13.96
N SER B 367 8.27 15.30 14.88
CA SER B 367 9.04 15.66 16.05
C SER B 367 10.54 15.77 15.78
N ALA B 368 11.00 15.27 14.62
CA ALA B 368 12.43 15.10 14.34
C ALA B 368 13.11 16.43 14.01
N ASN B 369 14.07 16.80 14.84
CA ASN B 369 14.96 17.93 14.58
C ASN B 369 16.06 17.52 13.62
N LEU B 370 16.97 18.46 13.33
CA LEU B 370 18.03 18.22 12.35
C LEU B 370 19.21 17.57 13.07
N SER B 371 19.12 16.26 13.25
CA SER B 371 20.14 15.54 14.00
C SER B 371 20.23 14.12 13.48
N LYS B 372 21.44 13.56 13.59
CA LYS B 372 21.63 12.13 13.31
C LYS B 372 20.88 11.26 14.31
N ALA B 373 20.72 11.73 15.54
CA ALA B 373 20.03 10.93 16.55
C ALA B 373 18.59 10.66 16.15
N ALA B 374 17.94 11.65 15.55
CA ALA B 374 16.53 11.57 15.17
C ALA B 374 16.34 10.87 13.83
N TRP B 375 17.20 11.17 12.85
CA TRP B 375 16.99 10.72 11.48
C TRP B 375 17.76 9.47 11.13
N GLY B 376 18.81 9.15 11.86
CA GLY B 376 19.63 7.99 11.56
C GLY B 376 20.93 8.36 10.88
N ALA B 377 21.97 7.57 11.17
CA ALA B 377 23.27 7.73 10.53
C ALA B 377 23.80 6.36 10.15
N LEU B 378 24.30 6.25 8.93
CA LEU B 378 24.83 4.97 8.44
C LEU B 378 26.11 4.60 9.18
N GLU B 379 26.27 3.30 9.41
CA GLU B 379 27.48 2.75 10.02
C GLU B 379 27.89 1.51 9.24
N LYS B 380 29.11 1.05 9.49
CA LYS B 380 29.64 -0.19 8.95
C LYS B 380 29.51 -0.23 7.42
N ASN B 381 30.16 0.73 6.78
CA ASN B 381 30.23 0.83 5.33
C ASN B 381 28.83 0.86 4.71
N GLY B 382 27.97 1.70 5.29
CA GLY B 382 26.64 1.92 4.75
C GLY B 382 25.68 0.76 4.87
N THR B 383 26.04 -0.30 5.59
CA THR B 383 25.17 -1.45 5.73
C THR B 383 24.19 -1.34 6.89
N GLN B 384 24.44 -0.42 7.83
CA GLN B 384 23.71 -0.35 9.08
C GLN B 384 23.29 1.08 9.36
N LEU B 385 22.01 1.29 9.65
CA LEU B 385 21.48 2.61 9.98
C LEU B 385 21.22 2.66 11.48
N MET B 386 21.93 3.53 12.18
CA MET B 386 21.81 3.65 13.62
C MET B 386 20.95 4.85 13.98
N ILE B 387 19.92 4.61 14.79
CA ILE B 387 19.02 5.65 15.28
C ILE B 387 19.02 5.59 16.80
N ARG B 388 19.08 6.77 17.42
CA ARG B 388 19.15 6.81 18.88
C ARG B 388 17.81 7.03 19.56
N SER B 389 16.84 7.65 18.89
N SER B 389 16.84 7.63 18.88
CA SER B 389 15.69 8.23 19.55
CA SER B 389 15.68 8.21 19.54
C SER B 389 14.38 7.82 18.89
C SER B 389 14.39 7.65 18.95
N TYR B 390 13.29 7.91 19.68
CA TYR B 390 11.94 7.76 19.15
C TYR B 390 11.50 9.10 18.58
N GLU B 391 11.03 9.09 17.32
CA GLU B 391 10.48 10.26 16.67
C GLU B 391 9.26 9.80 15.87
N LEU B 392 8.36 10.74 15.57
CA LEU B 392 7.19 10.39 14.78
C LEU B 392 6.69 11.60 14.01
N GLY B 393 6.31 11.36 12.75
CA GLY B 393 5.67 12.39 11.95
C GLY B 393 4.76 11.77 10.91
N VAL B 394 4.07 12.61 10.15
CA VAL B 394 3.21 12.16 9.06
C VAL B 394 3.58 12.89 7.79
N LEU B 395 3.56 12.17 6.69
CA LEU B 395 3.96 12.67 5.38
C LEU B 395 2.74 12.81 4.50
N PHE B 396 2.57 14.01 3.93
CA PHE B 396 1.54 14.31 2.95
C PHE B 396 2.14 14.19 1.56
N LEU B 397 1.64 13.23 0.76
CA LEU B 397 2.08 13.04 -0.61
C LEU B 397 0.93 13.34 -1.55
N PRO B 398 1.14 14.11 -2.63
CA PRO B 398 0.03 14.43 -3.55
C PRO B 398 -0.69 13.19 -4.08
N SER B 399 0.05 12.11 -4.37
CA SER B 399 -0.59 10.91 -4.90
C SER B 399 -1.63 10.33 -3.95
N ALA B 400 -1.45 10.50 -2.64
CA ALA B 400 -2.43 10.00 -1.68
C ALA B 400 -3.72 10.81 -1.70
N PHE B 401 -3.74 11.93 -2.41
CA PHE B 401 -4.91 12.78 -2.55
C PHE B 401 -5.37 12.85 -4.00
N GLY B 402 -4.83 12.01 -4.87
CA GLY B 402 -5.16 12.05 -6.28
C GLY B 402 -4.60 13.25 -7.01
N LEU B 403 -3.47 13.79 -6.55
CA LEU B 403 -2.87 14.98 -7.13
C LEU B 403 -1.44 14.69 -7.58
N ASP B 404 -0.96 15.54 -8.50
CA ASP B 404 0.44 15.52 -8.92
C ASP B 404 1.32 16.38 -8.01
N SER B 405 0.76 17.46 -7.46
CA SER B 405 1.46 18.33 -6.51
C SER B 405 0.40 19.04 -5.68
N PHE B 406 0.84 19.71 -4.63
CA PHE B 406 -0.01 20.58 -3.82
C PHE B 406 0.28 22.02 -4.19
N LYS B 407 -0.77 22.82 -4.37
N LYS B 407 -0.76 22.81 -4.41
CA LYS B 407 -0.62 24.26 -4.41
CA LYS B 407 -0.61 24.25 -4.41
C LYS B 407 -0.43 24.80 -3.00
C LYS B 407 -0.37 24.75 -2.98
N VAL B 408 0.46 25.78 -2.84
CA VAL B 408 0.73 26.37 -1.54
C VAL B 408 -0.35 27.39 -1.22
N LYS B 409 -0.99 27.24 -0.07
CA LYS B 409 -2.01 28.18 0.38
C LYS B 409 -1.38 29.56 0.58
N GLN B 410 -1.99 30.57 -0.03
CA GLN B 410 -1.38 31.89 0.01
C GLN B 410 -1.45 32.50 1.40
N LYS B 411 -2.63 32.46 2.04
CA LYS B 411 -2.77 32.86 3.43
C LYS B 411 -3.26 31.67 4.23
N PHE B 412 -2.54 31.35 5.31
CA PHE B 412 -2.75 30.09 6.03
C PHE B 412 -4.19 29.93 6.52
N PHE B 413 -4.82 31.04 6.92
CA PHE B 413 -6.15 31.00 7.53
C PHE B 413 -7.25 31.52 6.63
N ALA B 414 -6.92 31.99 5.43
CA ALA B 414 -7.93 32.54 4.52
C ALA B 414 -8.54 31.44 3.67
N GLY B 415 -9.56 31.80 2.89
CA GLY B 415 -10.18 30.84 2.01
C GLY B 415 -9.37 30.58 0.75
N SER B 416 -9.69 29.46 0.10
CA SER B 416 -9.02 29.07 -1.13
C SER B 416 -10.04 28.52 -2.11
N GLN B 417 -9.92 28.89 -3.39
CA GLN B 417 -10.84 28.45 -4.42
C GLN B 417 -10.77 26.94 -4.67
N GLU B 418 -9.86 26.23 -4.00
CA GLU B 418 -9.72 24.79 -4.16
C GLU B 418 -9.00 24.19 -2.96
N PRO B 419 -9.66 24.11 -1.80
CA PRO B 419 -8.95 23.67 -0.58
C PRO B 419 -8.43 22.24 -0.66
N MET B 420 -9.09 21.37 -1.44
CA MET B 420 -8.63 19.99 -1.54
C MET B 420 -7.33 19.86 -2.32
N ALA B 421 -6.86 20.92 -2.95
CA ALA B 421 -5.59 20.89 -3.68
C ALA B 421 -4.55 21.83 -3.09
N THR B 422 -4.87 22.51 -1.99
CA THR B 422 -4.12 23.68 -1.51
C THR B 422 -3.59 23.46 -0.08
N PHE B 423 -2.27 23.31 0.06
CA PHE B 423 -1.76 22.86 1.35
C PHE B 423 -1.42 24.04 2.25
N PRO B 424 -1.80 24.02 3.51
CA PRO B 424 -1.56 25.16 4.41
C PRO B 424 -0.16 25.15 4.99
N VAL B 425 0.81 25.67 4.23
CA VAL B 425 2.17 25.82 4.74
C VAL B 425 2.20 26.93 5.78
N PRO B 426 2.69 26.68 7.01
CA PRO B 426 2.47 27.63 8.10
C PRO B 426 3.47 28.79 8.21
N TYR B 427 4.51 28.83 7.39
CA TYR B 427 5.48 29.91 7.42
C TYR B 427 5.71 30.41 6.00
N ASP B 428 6.45 31.51 5.90
CA ASP B 428 6.54 32.28 4.67
C ASP B 428 7.54 31.67 3.69
N LEU B 429 7.22 31.77 2.41
CA LEU B 429 8.05 31.33 1.29
C LEU B 429 8.23 32.48 0.31
N PRO B 430 9.43 32.64 -0.26
CA PRO B 430 10.64 31.87 0.05
C PRO B 430 11.20 32.25 1.42
N PRO B 431 11.94 31.36 2.05
CA PRO B 431 12.61 31.71 3.31
C PRO B 431 13.64 32.79 3.07
N GLU B 432 13.87 33.60 4.11
CA GLU B 432 14.78 34.73 4.02
C GLU B 432 16.10 34.40 4.69
N LEU B 433 17.19 34.60 3.94
CA LEU B 433 18.52 34.27 4.44
C LEU B 433 18.87 35.16 5.63
N TYR B 434 19.55 34.58 6.62
CA TYR B 434 20.17 35.40 7.67
C TYR B 434 20.93 36.57 7.06
N GLY B 435 20.80 37.74 7.70
CA GLY B 435 21.67 38.86 7.39
C GLY B 435 23.05 38.67 7.98
N SER B 436 24.00 39.48 7.49
CA SER B 436 25.39 39.33 7.89
C SER B 436 25.58 39.58 9.38
N LYS B 437 24.69 40.33 10.02
CA LYS B 437 24.76 40.53 11.47
C LYS B 437 23.96 39.49 12.26
N ASP B 438 23.17 38.66 11.60
CA ASP B 438 22.37 37.67 12.31
C ASP B 438 23.23 36.51 12.76
N ARG B 439 22.81 35.86 13.84
CA ARG B 439 23.43 34.66 14.36
C ARG B 439 22.35 33.65 14.74
N PRO B 440 22.65 32.36 14.64
CA PRO B 440 21.66 31.37 15.10
C PRO B 440 21.46 31.51 16.60
N TRP B 441 20.22 31.30 17.04
CA TRP B 441 19.97 31.24 18.48
C TRP B 441 20.77 30.10 19.10
N ILE B 442 21.58 30.42 20.09
CA ILE B 442 22.38 29.45 20.82
C ILE B 442 22.00 29.58 22.29
N TRP B 443 21.49 28.50 22.87
CA TRP B 443 20.74 28.67 24.11
C TRP B 443 21.60 28.82 25.35
N ASN B 444 22.89 28.45 25.30
CA ASN B 444 23.68 28.41 26.53
C ASN B 444 24.82 29.43 26.54
N ILE B 445 24.65 30.55 25.85
CA ILE B 445 25.53 31.71 26.01
C ILE B 445 24.63 32.89 26.41
N PRO B 446 25.21 33.91 27.04
CA PRO B 446 24.39 35.06 27.46
C PRO B 446 24.12 36.06 26.34
N TYR B 447 22.98 36.72 26.46
CA TYR B 447 22.60 37.84 25.60
C TYR B 447 22.26 39.00 26.53
N VAL B 448 23.20 39.95 26.68
CA VAL B 448 23.07 40.98 27.71
C VAL B 448 23.21 42.38 27.13
N LYS B 449 23.19 42.50 25.80
CA LYS B 449 23.43 43.79 25.18
C LYS B 449 22.16 44.47 24.69
N ALA B 450 21.08 43.71 24.46
CA ALA B 450 19.81 44.23 24.02
C ALA B 450 18.74 43.47 24.81
N PRO B 451 17.84 44.17 25.48
CA PRO B 451 16.76 43.48 26.19
C PRO B 451 15.74 42.93 25.20
N ASP B 452 14.99 41.93 25.66
CA ASP B 452 14.00 41.29 24.82
C ASP B 452 12.67 42.02 24.93
N THR B 453 11.62 41.39 24.39
CA THR B 453 10.26 41.94 24.41
C THR B 453 9.81 42.39 25.79
N HIS B 454 10.26 41.70 26.85
CA HIS B 454 9.80 41.97 28.19
C HIS B 454 10.83 42.73 29.00
N GLY B 455 11.82 43.32 28.32
CA GLY B 455 12.83 44.11 29.01
C GLY B 455 13.86 43.30 29.75
N ASN B 456 14.04 42.03 29.40
CA ASN B 456 14.91 41.11 30.11
C ASN B 456 16.12 40.73 29.27
N MET B 457 17.18 40.31 29.97
N MET B 457 17.16 40.29 29.98
CA MET B 457 18.35 39.73 29.34
CA MET B 457 18.35 39.71 29.38
C MET B 457 18.35 38.21 29.58
C MET B 457 18.27 38.19 29.49
N TRP B 458 19.27 37.52 28.91
CA TRP B 458 19.35 36.06 28.95
C TRP B 458 20.71 35.67 29.49
N VAL B 459 20.72 35.05 30.66
CA VAL B 459 21.97 34.71 31.33
C VAL B 459 21.88 33.26 31.80
N PRO B 460 22.22 32.29 30.95
CA PRO B 460 22.09 30.89 31.35
C PRO B 460 23.07 30.53 32.46
N SER B 461 22.88 29.35 33.02
CA SER B 461 23.62 28.87 34.19
C SER B 461 23.32 29.75 35.40
#